data_6HI1
#
_entry.id   6HI1
#
_cell.length_a   141.570
_cell.length_b   64.360
_cell.length_c   116.300
_cell.angle_alpha   90.00
_cell.angle_beta   103.24
_cell.angle_gamma   90.00
#
_symmetry.space_group_name_H-M   'C 1 2 1'
#
loop_
_entity.id
_entity.type
_entity.pdbx_description
1 polymer 'Phosphatidylinositol 4,5-bisphosphate 3-kinase catalytic subunit delta isoform'
2 non-polymer 3-(6-morpholin-4-ylpyridin-2-yl)phenol
3 water water
#
_entity_poly.entity_id   1
_entity_poly.type   'polypeptide(L)'
_entity_poly.pdbx_seq_one_letter_code
;GGDRVKKLINSQISLLIGKGLHEFDSLRDPEVNDFRTKMRQFCEEAAAHRQQLGWVEWLQYSFPLQLEPSARGWRAGLLR
VSNRALLVNVKFEGSEESFTFQVSTKDMPLALMACALRKKATVFRQPLVEQPEEYALQVNGRHEYLYGNYPLCHFQYICS
CLHSGLTPHLTMVHSSSILAMRDEQSNPAPQVQKPRAKPPPIPAKKPSSVSLWSLEQPFSIELIEGRKVNADERMKLVVQ
AGLFHGNEMLCKTVSSSEVNVCSEPVWKQRLEFDISVCDLPRMARLCFALYAVVEKAKKARSTKKKSKKADCPIAWANLM
LFDYKDQLKTGERCLYMWPSVPDEKGELLNPAGTVRGNPNTESAAALVIYLPEVAPHPVYFPALEKILELGRHGERGRIT
EEEQLQLREILERRGSGELYEHEKDLVWKMRHEVQEHFPEALARLLLVTKWNKHEDVAQMLYLLCSWPELPVLSALELLD
FSFPDCYVGSFAIKSLRKLTDDELFQYLLQLVQVLKYESYLDCELTKFLLGRALANRKIGHFLFWHLRSEMHVPSVALRF
GLIMEAYCRGSTHHMKVLMKQGEALSKLKALNDFVKVSSQKTTKPQTKEMMHMCMRQETYMEALSHLQSPLDPSTLLEEV
CVEQCTFMDSKMKPLWIMYSSEEAGSAGNVGIIFKNGDDLRQDMLTLQMIQLMDVLWKQEGLDLRMTPYGCLPTGDRTGL
IEVVLHSDTIANIQLNKSNMAATAAFNKDALLNWLKSKNPGEALDRAIEEFTLSCAGYCVATYVLGIGDRHSDNIMIRES
GQLFHIDFGHFLGNFKTKFGINRERVPFILTYDFVHVIQQGKTNNSEKFERFRGYCERAYTILRRHGLLFLHLFALMRAA
GLPELSCSKDIQYLKDSLALGKTEEEALKHFRVKFNEALRESWKTKVNWLAHNVSKDNRQ
;
_entity_poly.pdbx_strand_id   A
#
loop_
_chem_comp.id
_chem_comp.type
_chem_comp.name
_chem_comp.formula
G5T non-polymer 3-(6-morpholin-4-ylpyridin-2-yl)phenol 'C15 H16 N2 O2'
#
# COMPACT_ATOMS: atom_id res chain seq x y z
N ASP A 3 -11.39 -5.62 -35.83
CA ASP A 3 -12.75 -5.33 -35.41
C ASP A 3 -12.88 -3.95 -34.77
N ARG A 4 -14.04 -3.28 -34.97
CA ARG A 4 -14.31 -1.93 -34.45
C ARG A 4 -14.48 -1.88 -32.92
N VAL A 5 -14.91 -3.00 -32.30
CA VAL A 5 -15.09 -3.12 -30.85
C VAL A 5 -13.71 -3.19 -30.19
N LYS A 6 -12.78 -3.99 -30.79
CA LYS A 6 -11.38 -4.15 -30.38
C LYS A 6 -10.63 -2.81 -30.50
N LYS A 7 -10.98 -1.99 -31.52
CA LYS A 7 -10.38 -0.68 -31.78
C LYS A 7 -10.79 0.32 -30.68
N LEU A 8 -12.08 0.31 -30.27
CA LEU A 8 -12.59 1.21 -29.22
C LEU A 8 -12.02 0.87 -27.84
N ILE A 9 -11.94 -0.44 -27.51
CA ILE A 9 -11.40 -0.86 -26.21
C ILE A 9 -9.94 -0.42 -26.11
N ASN A 10 -9.11 -0.67 -27.18
CA ASN A 10 -7.70 -0.24 -27.24
C ASN A 10 -7.52 1.27 -26.98
N SER A 11 -8.39 2.10 -27.57
CA SER A 11 -8.39 3.56 -27.34
C SER A 11 -8.89 3.95 -25.94
N GLN A 12 -9.86 3.21 -25.38
CA GLN A 12 -10.38 3.45 -24.02
C GLN A 12 -9.31 3.07 -22.97
N ILE A 13 -8.57 1.96 -23.21
CA ILE A 13 -7.44 1.55 -22.36
C ILE A 13 -6.36 2.62 -22.46
N SER A 14 -6.08 3.12 -23.69
CA SER A 14 -5.08 4.17 -23.89
C SER A 14 -5.38 5.44 -23.06
N LEU A 15 -6.63 5.89 -23.05
CA LEU A 15 -7.02 7.08 -22.29
C LEU A 15 -7.06 6.80 -20.79
N LEU A 16 -7.44 5.56 -20.39
CA LEU A 16 -7.52 5.18 -19.00
C LEU A 16 -6.16 5.16 -18.30
N ILE A 17 -5.17 4.53 -18.92
CA ILE A 17 -3.87 4.38 -18.30
C ILE A 17 -3.00 5.61 -18.52
N GLY A 18 -3.45 6.51 -19.39
CA GLY A 18 -2.70 7.72 -19.69
C GLY A 18 -1.49 7.49 -20.57
N LYS A 19 -1.46 6.35 -21.29
CA LYS A 19 -0.38 6.00 -22.23
C LYS A 19 -0.96 5.23 -23.40
N GLY A 20 -0.74 5.75 -24.61
CA GLY A 20 -1.20 5.14 -25.85
C GLY A 20 -0.60 3.75 -26.04
N LEU A 21 -1.43 2.73 -26.37
CA LEU A 21 -0.96 1.36 -26.57
C LEU A 21 0.01 1.23 -27.77
N HIS A 22 -0.08 2.16 -28.76
CA HIS A 22 0.80 2.23 -29.94
C HIS A 22 2.27 2.42 -29.48
N GLU A 23 2.45 3.12 -28.35
CA GLU A 23 3.74 3.38 -27.69
C GLU A 23 4.45 2.08 -27.25
N PHE A 24 3.68 1.02 -26.88
CA PHE A 24 4.25 -0.27 -26.50
C PHE A 24 4.82 -0.99 -27.74
N ASP A 25 4.05 -0.97 -28.85
CA ASP A 25 4.43 -1.57 -30.15
C ASP A 25 5.65 -0.92 -30.76
N SER A 26 5.80 0.42 -30.62
CA SER A 26 6.92 1.22 -31.18
C SER A 26 8.28 0.93 -30.54
N LEU A 27 8.31 0.35 -29.32
CA LEU A 27 9.58 0.01 -28.67
C LEU A 27 10.21 -1.21 -29.33
N ARG A 28 9.38 -2.02 -30.04
CA ARG A 28 9.76 -3.24 -30.78
C ARG A 28 10.57 -4.20 -29.91
N ASP A 29 10.27 -4.23 -28.59
CA ASP A 29 10.95 -5.09 -27.62
C ASP A 29 10.21 -6.41 -27.46
N PRO A 30 10.88 -7.54 -27.78
CA PRO A 30 10.23 -8.86 -27.60
C PRO A 30 9.76 -9.13 -26.17
N GLU A 31 10.47 -8.60 -25.14
CA GLU A 31 10.04 -8.79 -23.73
C GLU A 31 8.65 -8.17 -23.48
N VAL A 32 8.44 -6.93 -23.95
CA VAL A 32 7.14 -6.23 -23.83
C VAL A 32 6.04 -7.00 -24.59
N ASN A 33 6.35 -7.48 -25.82
CA ASN A 33 5.50 -8.24 -26.73
C ASN A 33 5.06 -9.57 -26.11
N ASP A 34 5.99 -10.25 -25.44
CA ASP A 34 5.74 -11.53 -24.78
C ASP A 34 4.93 -11.29 -23.50
N PHE A 35 5.24 -10.22 -22.75
CA PHE A 35 4.47 -9.87 -21.57
C PHE A 35 3.00 -9.60 -21.97
N ARG A 36 2.79 -8.73 -22.98
CA ARG A 36 1.44 -8.34 -23.44
C ARG A 36 0.58 -9.54 -23.88
N THR A 37 1.17 -10.48 -24.64
CA THR A 37 0.50 -11.68 -25.16
C THR A 37 0.05 -12.64 -24.05
N LYS A 38 1.01 -13.06 -23.21
CA LYS A 38 0.84 -13.97 -22.10
C LYS A 38 -0.12 -13.38 -21.04
N MET A 39 0.02 -12.09 -20.68
CA MET A 39 -0.85 -11.57 -19.63
C MET A 39 -2.26 -11.30 -20.15
N ARG A 40 -2.42 -10.91 -21.44
CA ARG A 40 -3.72 -10.72 -22.11
C ARG A 40 -4.50 -12.04 -22.01
N GLN A 41 -3.85 -13.16 -22.44
CA GLN A 41 -4.35 -14.53 -22.42
C GLN A 41 -4.73 -14.98 -20.98
N PHE A 42 -3.84 -14.72 -19.99
CA PHE A 42 -4.08 -15.04 -18.57
C PHE A 42 -5.32 -14.29 -18.02
N CYS A 43 -5.44 -12.98 -18.30
CA CYS A 43 -6.55 -12.15 -17.79
C CYS A 43 -7.88 -12.47 -18.47
N GLU A 44 -7.89 -12.66 -19.81
CA GLU A 44 -9.10 -13.06 -20.55
C GLU A 44 -9.68 -14.41 -20.06
N GLU A 45 -8.78 -15.32 -19.57
CA GLU A 45 -9.12 -16.63 -18.97
C GLU A 45 -9.84 -16.45 -17.64
N ALA A 46 -9.40 -15.46 -16.83
CA ALA A 46 -10.03 -15.14 -15.54
C ALA A 46 -11.42 -14.56 -15.84
N ALA A 47 -11.51 -13.65 -16.83
CA ALA A 47 -12.77 -13.05 -17.25
C ALA A 47 -13.78 -14.14 -17.69
N ALA A 48 -13.34 -15.15 -18.46
CA ALA A 48 -14.20 -16.25 -18.92
C ALA A 48 -14.73 -17.07 -17.72
N HIS A 49 -13.89 -17.28 -16.71
CA HIS A 49 -14.18 -17.99 -15.45
C HIS A 49 -15.20 -17.20 -14.60
N ARG A 50 -15.08 -15.87 -14.61
CA ARG A 50 -15.93 -14.98 -13.84
C ARG A 50 -17.34 -14.84 -14.38
N GLN A 51 -17.49 -14.68 -15.70
CA GLN A 51 -18.81 -14.45 -16.28
C GLN A 51 -19.73 -15.69 -16.19
N GLN A 52 -19.22 -16.78 -15.58
CA GLN A 52 -19.90 -18.06 -15.36
C GLN A 52 -19.97 -18.44 -13.86
N LEU A 53 -19.52 -17.52 -12.95
CA LEU A 53 -19.61 -17.74 -11.51
C LEU A 53 -21.07 -17.92 -11.09
N GLY A 54 -21.31 -18.61 -9.98
CA GLY A 54 -22.65 -18.71 -9.39
C GLY A 54 -23.03 -17.37 -8.79
N TRP A 55 -24.33 -17.06 -8.61
CA TRP A 55 -24.73 -15.73 -8.10
C TRP A 55 -24.09 -15.32 -6.74
N VAL A 56 -23.89 -16.25 -5.80
CA VAL A 56 -23.23 -15.94 -4.52
C VAL A 56 -21.71 -15.73 -4.76
N GLU A 57 -21.11 -16.53 -5.63
CA GLU A 57 -19.69 -16.39 -5.96
C GLU A 57 -19.45 -15.08 -6.69
N TRP A 58 -20.44 -14.63 -7.45
CA TRP A 58 -20.33 -13.36 -8.13
C TRP A 58 -20.48 -12.17 -7.13
N LEU A 59 -21.31 -12.35 -6.06
CA LEU A 59 -21.42 -11.35 -4.98
C LEU A 59 -20.07 -11.30 -4.27
N GLN A 60 -19.38 -12.46 -4.13
CA GLN A 60 -18.10 -12.53 -3.44
C GLN A 60 -16.99 -11.85 -4.25
N TYR A 61 -17.16 -11.80 -5.58
CA TYR A 61 -16.22 -11.14 -6.47
C TYR A 61 -16.48 -9.64 -6.44
N SER A 62 -17.75 -9.24 -6.64
CA SER A 62 -18.08 -7.84 -6.84
C SER A 62 -18.22 -7.04 -5.55
N PHE A 63 -18.78 -7.67 -4.50
CA PHE A 63 -19.04 -7.06 -3.20
C PHE A 63 -18.42 -7.92 -2.10
N PRO A 64 -17.07 -8.04 -2.03
CA PRO A 64 -16.47 -8.88 -0.98
C PRO A 64 -16.89 -8.35 0.41
N LEU A 65 -17.28 -9.26 1.28
CA LEU A 65 -17.75 -8.95 2.62
C LEU A 65 -16.81 -8.07 3.40
N GLN A 66 -17.38 -7.09 4.13
CA GLN A 66 -16.63 -6.17 4.97
C GLN A 66 -16.93 -6.52 6.42
N LEU A 67 -16.11 -7.44 6.95
CA LEU A 67 -16.25 -8.02 8.29
C LEU A 67 -15.30 -7.39 9.31
N GLU A 68 -15.69 -7.43 10.60
CA GLU A 68 -14.89 -6.89 11.70
C GLU A 68 -13.65 -7.77 11.90
N PRO A 69 -12.44 -7.20 12.19
CA PRO A 69 -11.24 -8.06 12.33
C PRO A 69 -11.44 -9.26 13.26
N SER A 70 -12.34 -9.09 14.27
CA SER A 70 -12.74 -10.11 15.24
C SER A 70 -13.46 -11.29 14.55
N ALA A 71 -14.41 -10.95 13.64
CA ALA A 71 -15.24 -11.87 12.84
C ALA A 71 -14.45 -12.83 11.95
N ARG A 72 -13.36 -12.34 11.30
CA ARG A 72 -12.53 -13.12 10.37
C ARG A 72 -11.83 -14.32 11.01
N ASN A 83 -28.33 -11.55 22.33
CA ASN A 83 -27.27 -10.80 22.98
C ASN A 83 -27.67 -9.33 23.25
N ARG A 84 -27.91 -8.55 22.18
CA ARG A 84 -28.32 -7.13 22.23
C ARG A 84 -29.43 -6.86 21.19
N ALA A 85 -30.41 -6.02 21.55
CA ALA A 85 -31.54 -5.68 20.67
C ALA A 85 -31.09 -4.80 19.50
N LEU A 86 -31.49 -5.21 18.27
CA LEU A 86 -31.14 -4.50 17.02
C LEU A 86 -32.35 -4.22 16.15
N LEU A 87 -32.55 -2.96 15.78
CA LEU A 87 -33.63 -2.50 14.90
C LEU A 87 -33.09 -2.31 13.49
N VAL A 88 -33.75 -2.89 12.45
CA VAL A 88 -33.30 -2.83 11.04
C VAL A 88 -34.49 -2.50 10.13
N ASN A 89 -34.23 -1.63 9.14
CA ASN A 89 -35.20 -1.25 8.12
C ASN A 89 -34.82 -2.01 6.85
N VAL A 90 -35.76 -2.82 6.35
CA VAL A 90 -35.61 -3.65 5.15
C VAL A 90 -36.70 -3.30 4.13
N LYS A 91 -36.32 -3.17 2.85
CA LYS A 91 -37.22 -2.95 1.71
C LYS A 91 -36.85 -3.92 0.59
N PHE A 92 -37.77 -4.23 -0.30
CA PHE A 92 -37.47 -5.10 -1.44
C PHE A 92 -37.14 -4.16 -2.60
N GLU A 93 -36.18 -4.54 -3.45
CA GLU A 93 -35.68 -3.74 -4.58
C GLU A 93 -36.74 -2.99 -5.40
N GLY A 94 -36.54 -1.68 -5.49
CA GLY A 94 -37.36 -0.75 -6.26
C GLY A 94 -38.53 -0.18 -5.50
N SER A 95 -39.30 -1.05 -4.82
CA SER A 95 -40.47 -0.69 -4.02
C SER A 95 -40.04 0.16 -2.83
N GLU A 96 -40.75 1.29 -2.63
CA GLU A 96 -40.49 2.26 -1.56
C GLU A 96 -40.96 1.75 -0.19
N GLU A 97 -41.92 0.81 -0.18
CA GLU A 97 -42.44 0.20 1.03
C GLU A 97 -41.33 -0.55 1.76
N SER A 98 -41.08 -0.14 3.01
CA SER A 98 -40.07 -0.77 3.85
C SER A 98 -40.69 -1.28 5.15
N PHE A 99 -39.97 -2.15 5.86
CA PHE A 99 -40.38 -2.78 7.11
C PHE A 99 -39.28 -2.59 8.16
N THR A 100 -39.66 -2.10 9.32
CA THR A 100 -38.74 -1.94 10.45
C THR A 100 -39.08 -2.99 11.48
N PHE A 101 -38.16 -3.94 11.69
CA PHE A 101 -38.32 -5.04 12.62
C PHE A 101 -37.12 -5.26 13.53
N GLN A 102 -37.38 -5.85 14.69
CA GLN A 102 -36.36 -6.07 15.70
C GLN A 102 -35.77 -7.47 15.61
N VAL A 103 -34.47 -7.51 15.39
CA VAL A 103 -33.66 -8.72 15.34
C VAL A 103 -32.61 -8.62 16.46
N SER A 104 -31.79 -9.65 16.59
CA SER A 104 -30.68 -9.62 17.52
C SER A 104 -29.40 -9.45 16.71
N THR A 105 -28.38 -8.82 17.31
CA THR A 105 -27.03 -8.64 16.77
C THR A 105 -26.38 -10.01 16.48
N LYS A 106 -26.75 -11.07 17.25
CA LYS A 106 -26.19 -12.40 17.02
C LYS A 106 -26.94 -13.19 15.94
N ASP A 107 -28.12 -12.68 15.48
CA ASP A 107 -28.91 -13.31 14.40
C ASP A 107 -28.12 -13.24 13.07
N MET A 108 -28.30 -14.25 12.19
CA MET A 108 -27.63 -14.36 10.89
C MET A 108 -28.45 -13.58 9.86
N PRO A 109 -27.85 -13.13 8.71
CA PRO A 109 -28.66 -12.42 7.70
C PRO A 109 -29.87 -13.23 7.23
N LEU A 110 -29.77 -14.58 7.19
CA LEU A 110 -30.82 -15.47 6.73
C LEU A 110 -32.10 -15.35 7.56
N ALA A 111 -31.99 -15.28 8.90
CA ALA A 111 -33.12 -15.09 9.81
C ALA A 111 -33.76 -13.73 9.55
N LEU A 112 -32.94 -12.70 9.25
CA LEU A 112 -33.44 -11.38 8.89
C LEU A 112 -34.23 -11.49 7.56
N MET A 113 -33.72 -12.28 6.62
CA MET A 113 -34.36 -12.45 5.31
C MET A 113 -35.70 -13.19 5.36
N ALA A 114 -35.78 -14.32 6.10
CA ALA A 114 -36.98 -15.12 6.28
C ALA A 114 -38.09 -14.27 6.91
N CYS A 115 -37.65 -13.39 7.83
CA CYS A 115 -38.39 -12.39 8.57
C CYS A 115 -39.00 -11.34 7.61
N ALA A 116 -38.20 -10.85 6.63
CA ALA A 116 -38.66 -9.89 5.63
C ALA A 116 -39.66 -10.52 4.64
N LEU A 117 -39.47 -11.81 4.30
CA LEU A 117 -40.34 -12.52 3.36
C LEU A 117 -41.71 -12.88 3.96
N ARG A 118 -41.77 -13.16 5.30
CA ARG A 118 -43.05 -13.46 5.96
C ARG A 118 -43.89 -12.20 5.96
N LYS A 119 -43.26 -11.02 6.25
CA LYS A 119 -43.89 -9.70 6.22
C LYS A 119 -44.46 -9.44 4.83
N LYS A 120 -43.63 -9.54 3.75
CA LYS A 120 -44.04 -9.35 2.34
C LYS A 120 -45.15 -10.34 1.95
N ALA A 121 -45.09 -11.59 2.46
CA ALA A 121 -46.15 -12.57 2.22
C ALA A 121 -47.48 -12.18 2.89
N THR A 122 -47.44 -11.31 3.95
CA THR A 122 -48.65 -10.85 4.66
C THR A 122 -49.17 -9.52 4.10
N VAL A 123 -48.28 -8.58 3.75
CA VAL A 123 -48.67 -7.28 3.20
C VAL A 123 -49.33 -7.48 1.80
N PHE A 124 -48.69 -8.28 0.93
CA PHE A 124 -49.19 -8.71 -0.37
C PHE A 124 -49.65 -10.12 -0.03
N ARG A 125 -50.97 -10.32 0.10
CA ARG A 125 -51.62 -11.57 0.50
C ARG A 125 -51.34 -12.73 -0.47
N GLN A 126 -50.15 -13.35 -0.34
CA GLN A 126 -49.69 -14.45 -1.20
C GLN A 126 -48.64 -15.36 -0.56
N PRO A 127 -48.74 -16.71 -0.72
CA PRO A 127 -47.66 -17.58 -0.22
C PRO A 127 -46.46 -17.41 -1.15
N LEU A 128 -45.27 -17.14 -0.60
CA LEU A 128 -44.11 -16.85 -1.45
C LEU A 128 -43.33 -18.07 -1.91
N VAL A 129 -43.06 -18.09 -3.24
CA VAL A 129 -42.32 -19.11 -4.01
C VAL A 129 -40.85 -19.10 -3.58
N GLU A 130 -40.32 -17.91 -3.27
CA GLU A 130 -38.94 -17.70 -2.87
C GLU A 130 -38.66 -18.10 -1.44
N GLN A 131 -37.49 -18.72 -1.25
CA GLN A 131 -36.91 -19.13 0.03
C GLN A 131 -35.89 -18.02 0.42
N PRO A 132 -35.56 -17.82 1.73
CA PRO A 132 -34.58 -16.77 2.08
C PRO A 132 -33.21 -16.96 1.43
N GLU A 133 -32.92 -18.19 0.97
CA GLU A 133 -31.72 -18.61 0.29
C GLU A 133 -31.57 -17.96 -1.11
N GLU A 134 -32.69 -17.52 -1.73
CA GLU A 134 -32.67 -16.88 -3.08
C GLU A 134 -32.28 -15.38 -3.07
N TYR A 135 -32.07 -14.79 -1.87
CA TYR A 135 -31.73 -13.37 -1.68
C TYR A 135 -30.36 -13.05 -1.04
N ALA A 136 -29.96 -11.78 -1.17
CA ALA A 136 -28.81 -11.17 -0.52
C ALA A 136 -29.29 -9.79 -0.06
N LEU A 137 -28.68 -9.23 0.98
CA LEU A 137 -29.08 -7.91 1.48
C LEU A 137 -28.11 -6.81 1.08
N GLN A 138 -28.53 -5.90 0.19
CA GLN A 138 -27.71 -4.73 -0.18
C GLN A 138 -27.82 -3.61 0.88
N VAL A 139 -26.69 -2.99 1.26
CA VAL A 139 -26.66 -1.81 2.15
C VAL A 139 -27.21 -0.66 1.23
N ASN A 140 -28.33 0.01 1.61
CA ASN A 140 -28.99 1.05 0.79
C ASN A 140 -28.04 2.06 0.10
N GLY A 141 -28.19 2.17 -1.22
CA GLY A 141 -27.40 3.05 -2.08
C GLY A 141 -25.89 2.91 -2.00
N ARG A 142 -25.41 1.68 -1.64
CA ARG A 142 -23.99 1.32 -1.50
C ARG A 142 -23.71 0.01 -2.24
N HIS A 143 -22.48 -0.14 -2.81
CA HIS A 143 -22.05 -1.38 -3.45
C HIS A 143 -21.47 -2.25 -2.33
N GLU A 144 -22.36 -2.68 -1.41
CA GLU A 144 -22.04 -3.45 -0.22
C GLU A 144 -23.20 -4.38 0.12
N TYR A 145 -22.90 -5.65 0.48
CA TYR A 145 -23.91 -6.66 0.77
C TYR A 145 -23.64 -7.48 2.03
N LEU A 146 -24.72 -7.90 2.73
CA LEU A 146 -24.64 -8.76 3.92
C LEU A 146 -25.20 -10.09 3.49
N TYR A 147 -24.36 -11.12 3.59
CA TYR A 147 -24.65 -12.50 3.19
C TYR A 147 -23.66 -13.42 3.92
N GLY A 148 -23.86 -14.72 3.82
CA GLY A 148 -22.98 -15.68 4.48
C GLY A 148 -23.37 -15.97 5.91
N ASN A 149 -22.69 -16.94 6.51
CA ASN A 149 -22.94 -17.47 7.85
C ASN A 149 -22.21 -16.70 8.96
N TYR A 150 -22.60 -15.44 9.14
CA TYR A 150 -22.00 -14.59 10.15
C TYR A 150 -23.09 -13.83 10.90
N PRO A 151 -22.97 -13.60 12.23
CA PRO A 151 -23.98 -12.79 12.90
C PRO A 151 -23.86 -11.36 12.39
N LEU A 152 -24.98 -10.60 12.43
CA LEU A 152 -25.05 -9.23 11.96
C LEU A 152 -23.98 -8.33 12.59
N CYS A 153 -23.71 -8.50 13.91
CA CYS A 153 -22.74 -7.71 14.66
C CYS A 153 -21.30 -7.75 14.08
N HIS A 154 -20.94 -8.88 13.42
CA HIS A 154 -19.67 -9.15 12.74
C HIS A 154 -19.46 -8.33 11.47
N PHE A 155 -20.55 -7.73 10.92
CA PHE A 155 -20.48 -6.90 9.70
C PHE A 155 -20.10 -5.46 10.02
N GLN A 156 -19.09 -4.93 9.30
CA GLN A 156 -18.61 -3.56 9.48
C GLN A 156 -19.73 -2.52 9.43
N TYR A 157 -20.75 -2.73 8.57
CA TYR A 157 -21.88 -1.83 8.44
C TYR A 157 -22.77 -1.83 9.71
N ILE A 158 -23.17 -3.02 10.18
CA ILE A 158 -23.99 -3.16 11.39
C ILE A 158 -23.18 -2.66 12.58
N CYS A 159 -21.90 -3.09 12.69
CA CYS A 159 -20.97 -2.67 13.73
C CYS A 159 -20.90 -1.16 13.83
N SER A 160 -20.81 -0.48 12.67
CA SER A 160 -20.76 0.99 12.55
C SER A 160 -22.09 1.60 13.06
N CYS A 161 -23.22 1.01 12.63
CA CYS A 161 -24.57 1.42 12.97
C CYS A 161 -24.83 1.31 14.48
N LEU A 162 -24.34 0.25 15.11
CA LEU A 162 -24.45 0.03 16.55
C LEU A 162 -23.68 1.08 17.36
N HIS A 163 -22.43 1.41 16.94
CA HIS A 163 -21.59 2.38 17.63
C HIS A 163 -22.06 3.83 17.46
N SER A 164 -22.69 4.18 16.33
CA SER A 164 -23.22 5.52 16.16
C SER A 164 -24.59 5.61 16.86
N GLY A 165 -25.46 4.63 16.57
CA GLY A 165 -26.82 4.53 17.08
C GLY A 165 -27.86 4.52 15.98
N LEU A 166 -27.43 4.78 14.72
CA LEU A 166 -28.30 4.80 13.52
C LEU A 166 -28.84 3.41 13.16
N THR A 167 -30.08 3.36 12.59
CA THR A 167 -30.77 2.14 12.19
C THR A 167 -30.27 1.64 10.83
N PRO A 168 -29.81 0.37 10.75
CA PRO A 168 -29.35 -0.16 9.44
C PRO A 168 -30.51 -0.25 8.45
N HIS A 169 -30.28 0.28 7.25
CA HIS A 169 -31.24 0.29 6.15
C HIS A 169 -30.70 -0.60 5.05
N LEU A 170 -31.42 -1.71 4.80
CA LEU A 170 -31.07 -2.76 3.84
C LEU A 170 -32.13 -2.98 2.79
N THR A 171 -31.74 -3.62 1.67
CA THR A 171 -32.64 -3.93 0.59
C THR A 171 -32.51 -5.39 0.21
N MET A 172 -33.62 -6.13 0.12
CA MET A 172 -33.61 -7.54 -0.24
C MET A 172 -33.42 -7.62 -1.73
N VAL A 173 -32.32 -8.23 -2.17
CA VAL A 173 -32.01 -8.35 -3.59
C VAL A 173 -32.02 -9.84 -3.98
N HIS A 174 -32.80 -10.22 -5.00
CA HIS A 174 -32.95 -11.60 -5.49
C HIS A 174 -31.75 -12.07 -6.35
N SER A 175 -31.58 -13.39 -6.46
CA SER A 175 -30.53 -14.06 -7.25
C SER A 175 -30.56 -13.68 -8.72
N SER A 176 -31.79 -13.43 -9.27
CA SER A 176 -32.02 -13.05 -10.67
C SER A 176 -31.51 -11.65 -10.96
N SER A 177 -31.66 -10.75 -9.98
CA SER A 177 -31.21 -9.36 -10.11
C SER A 177 -29.67 -9.26 -10.13
N ILE A 178 -28.96 -10.12 -9.36
CA ILE A 178 -27.49 -10.18 -9.29
C ILE A 178 -26.92 -10.90 -10.53
N LEU A 179 -27.62 -11.93 -11.02
CA LEU A 179 -27.19 -12.62 -12.23
C LEU A 179 -27.27 -11.71 -13.44
N ALA A 180 -28.26 -10.80 -13.43
CA ALA A 180 -28.43 -9.77 -14.45
C ALA A 180 -27.23 -8.79 -14.35
N MET A 181 -26.76 -8.44 -13.11
CA MET A 181 -25.55 -7.62 -12.89
C MET A 181 -24.35 -8.35 -13.51
N ARG A 182 -24.21 -9.67 -13.26
CA ARG A 182 -23.10 -10.47 -13.81
C ARG A 182 -23.06 -10.40 -15.34
N ASP A 183 -24.23 -10.68 -15.96
CA ASP A 183 -24.47 -10.70 -17.39
C ASP A 183 -24.27 -9.35 -18.05
N GLU A 184 -24.80 -8.24 -17.46
CA GLU A 184 -24.67 -6.88 -18.03
C GLU A 184 -23.21 -6.32 -17.99
N GLN A 185 -22.37 -6.88 -17.11
CA GLN A 185 -20.97 -6.48 -16.90
C GLN A 185 -19.97 -7.41 -17.60
N SER A 186 -20.46 -8.17 -18.60
CA SER A 186 -19.64 -9.12 -19.35
C SER A 186 -18.73 -8.50 -20.42
N ASN A 187 -17.55 -9.12 -20.62
CA ASN A 187 -16.54 -8.80 -21.64
C ASN A 187 -17.20 -9.00 -23.03
N PRO A 188 -16.79 -8.27 -24.10
CA PRO A 188 -17.45 -8.45 -25.42
C PRO A 188 -17.26 -9.83 -26.06
N ALA A 189 -18.05 -10.10 -27.12
CA ALA A 189 -18.03 -11.37 -27.87
C ALA A 189 -16.65 -11.59 -28.52
N PRO A 190 -16.12 -12.85 -28.55
CA PRO A 190 -14.78 -13.08 -29.12
C PRO A 190 -14.63 -12.73 -30.60
N SER A 211 28.26 -24.96 -22.21
CA SER A 211 27.49 -24.70 -20.97
C SER A 211 28.14 -23.61 -20.11
N LEU A 212 27.30 -22.91 -19.32
CA LEU A 212 27.71 -21.81 -18.44
C LEU A 212 28.77 -22.22 -17.38
N TRP A 213 28.57 -23.37 -16.70
CA TRP A 213 29.42 -23.80 -15.59
C TRP A 213 30.85 -24.22 -15.99
N SER A 214 31.14 -24.38 -17.30
CA SER A 214 32.49 -24.72 -17.80
C SER A 214 33.32 -23.44 -18.08
N LEU A 215 32.62 -22.29 -18.19
CA LEU A 215 33.19 -20.96 -18.49
C LEU A 215 33.91 -20.38 -17.27
N GLU A 216 35.18 -20.75 -17.07
CA GLU A 216 35.95 -20.36 -15.87
C GLU A 216 36.74 -19.04 -16.00
N GLN A 217 36.78 -18.42 -17.20
CA GLN A 217 37.49 -17.15 -17.43
C GLN A 217 36.83 -15.98 -16.65
N PRO A 218 37.59 -14.94 -16.23
CA PRO A 218 36.96 -13.85 -15.46
C PRO A 218 35.99 -13.03 -16.29
N PHE A 219 34.86 -12.63 -15.68
CA PHE A 219 33.90 -11.79 -16.34
C PHE A 219 34.57 -10.43 -16.59
N SER A 220 34.34 -9.89 -17.78
CA SER A 220 34.92 -8.64 -18.26
C SER A 220 33.99 -8.01 -19.29
N ILE A 221 34.13 -6.72 -19.53
CA ILE A 221 33.34 -5.96 -20.50
C ILE A 221 34.23 -4.88 -21.07
N GLU A 222 33.93 -4.40 -22.28
CA GLU A 222 34.64 -3.27 -22.84
C GLU A 222 33.76 -2.04 -22.61
N LEU A 223 34.33 -1.00 -22.01
CA LEU A 223 33.66 0.29 -21.84
C LEU A 223 34.09 1.09 -23.09
N ILE A 224 33.15 1.27 -24.05
CA ILE A 224 33.45 1.95 -25.30
C ILE A 224 33.53 3.46 -25.08
N GLU A 225 32.37 4.13 -24.99
CA GLU A 225 32.28 5.58 -24.90
C GLU A 225 31.05 6.04 -24.14
N GLY A 226 30.93 7.36 -24.00
CA GLY A 226 29.79 8.04 -23.39
C GLY A 226 29.26 9.09 -24.34
N ARG A 227 27.95 9.37 -24.30
CA ARG A 227 27.32 10.38 -25.16
C ARG A 227 26.56 11.40 -24.33
N LYS A 228 26.32 12.62 -24.88
CA LYS A 228 25.58 13.73 -24.27
C LYS A 228 25.87 13.94 -22.76
N VAL A 229 27.15 13.83 -22.36
CA VAL A 229 27.62 14.00 -21.00
C VAL A 229 27.79 15.49 -20.67
N ASN A 230 27.21 15.93 -19.54
CA ASN A 230 27.25 17.32 -19.08
C ASN A 230 27.94 17.41 -17.71
N ALA A 231 29.08 18.13 -17.66
CA ALA A 231 29.92 18.30 -16.46
C ALA A 231 30.89 19.47 -16.64
N ASP A 232 31.50 19.93 -15.53
CA ASP A 232 32.50 21.01 -15.52
C ASP A 232 33.77 20.53 -16.21
N GLU A 233 34.23 21.34 -17.16
CA GLU A 233 35.39 21.17 -18.05
C GLU A 233 36.76 21.04 -17.32
N ARG A 234 36.86 21.60 -16.11
CA ARG A 234 38.10 21.54 -15.30
C ARG A 234 38.35 20.13 -14.69
N MET A 235 37.33 19.28 -14.69
CA MET A 235 37.35 17.94 -14.09
C MET A 235 37.59 16.80 -15.09
N LYS A 236 37.72 15.56 -14.57
CA LYS A 236 37.88 14.35 -15.37
C LYS A 236 36.67 13.43 -15.13
N LEU A 237 36.37 12.54 -16.10
CA LEU A 237 35.25 11.60 -15.97
C LEU A 237 35.74 10.23 -15.56
N VAL A 238 35.05 9.61 -14.58
CA VAL A 238 35.34 8.28 -14.05
C VAL A 238 34.06 7.46 -14.16
N VAL A 239 34.16 6.19 -14.59
CA VAL A 239 33.06 5.25 -14.68
C VAL A 239 33.34 4.14 -13.68
N GLN A 240 32.50 4.03 -12.65
CA GLN A 240 32.61 2.96 -11.66
C GLN A 240 31.64 1.85 -12.08
N ALA A 241 32.11 0.59 -12.06
CA ALA A 241 31.32 -0.58 -12.44
C ALA A 241 31.34 -1.62 -11.33
N GLY A 242 30.15 -2.11 -10.99
CA GLY A 242 29.98 -3.08 -9.94
C GLY A 242 29.08 -4.24 -10.33
N LEU A 243 29.38 -5.42 -9.76
CA LEU A 243 28.60 -6.62 -9.94
C LEU A 243 27.89 -6.90 -8.62
N PHE A 244 26.57 -7.01 -8.70
CA PHE A 244 25.63 -7.15 -7.58
C PHE A 244 24.58 -8.23 -7.78
N HIS A 245 24.15 -8.78 -6.66
CA HIS A 245 23.06 -9.73 -6.53
C HIS A 245 22.23 -9.08 -5.42
N GLY A 246 21.31 -8.23 -5.83
CA GLY A 246 20.52 -7.42 -4.91
C GLY A 246 21.40 -6.30 -4.38
N ASN A 247 21.56 -6.23 -3.05
CA ASN A 247 22.37 -5.23 -2.37
C ASN A 247 23.84 -5.67 -2.23
N GLU A 248 24.09 -6.97 -2.23
CA GLU A 248 25.41 -7.56 -2.04
C GLU A 248 26.32 -7.47 -3.27
N MET A 249 27.58 -7.08 -3.05
CA MET A 249 28.58 -7.07 -4.11
C MET A 249 28.97 -8.52 -4.37
N LEU A 250 29.14 -8.89 -5.64
CA LEU A 250 29.54 -10.24 -6.03
C LEU A 250 31.06 -10.40 -6.08
N CYS A 251 31.77 -9.25 -6.08
CA CYS A 251 33.23 -9.07 -6.13
C CYS A 251 33.54 -7.57 -5.90
N LYS A 252 34.80 -7.18 -6.07
CA LYS A 252 35.24 -5.78 -5.92
C LYS A 252 34.65 -4.91 -7.03
N THR A 253 34.47 -3.62 -6.75
CA THR A 253 34.05 -2.69 -7.80
C THR A 253 35.32 -2.39 -8.60
N VAL A 254 35.16 -2.07 -9.91
CA VAL A 254 36.26 -1.72 -10.81
C VAL A 254 35.97 -0.37 -11.49
N SER A 255 37.00 0.50 -11.56
CA SER A 255 36.85 1.81 -12.16
C SER A 255 37.71 1.93 -13.39
N SER A 256 37.26 2.75 -14.35
CA SER A 256 38.00 2.98 -15.59
C SER A 256 39.08 4.05 -15.37
N SER A 257 39.87 4.33 -16.40
CA SER A 257 40.87 5.39 -16.35
C SER A 257 40.13 6.75 -16.31
N GLU A 258 40.80 7.78 -15.81
CA GLU A 258 40.21 9.12 -15.75
C GLU A 258 40.43 9.73 -17.12
N VAL A 259 39.34 10.20 -17.76
CA VAL A 259 39.36 10.79 -19.10
C VAL A 259 38.74 12.19 -19.02
N ASN A 260 39.42 13.21 -19.60
CA ASN A 260 39.00 14.62 -19.65
C ASN A 260 37.49 14.84 -19.92
N VAL A 261 36.86 15.79 -19.19
CA VAL A 261 35.44 16.14 -19.37
C VAL A 261 35.19 16.71 -20.77
N CYS A 262 34.20 16.13 -21.47
CA CYS A 262 33.71 16.49 -22.79
C CYS A 262 32.38 15.78 -23.06
N SER A 263 31.62 16.25 -24.06
CA SER A 263 30.31 15.76 -24.47
C SER A 263 30.27 14.27 -24.80
N GLU A 264 31.31 13.77 -25.52
CA GLU A 264 31.39 12.35 -25.92
C GLU A 264 32.70 11.71 -25.43
N PRO A 265 32.83 11.36 -24.11
CA PRO A 265 34.08 10.72 -23.64
C PRO A 265 34.34 9.35 -24.26
N VAL A 266 35.62 9.04 -24.52
CA VAL A 266 36.05 7.78 -25.13
C VAL A 266 36.99 7.05 -24.16
N TRP A 267 36.69 5.80 -23.83
CA TRP A 267 37.57 4.98 -23.00
C TRP A 267 38.22 3.88 -23.82
N LYS A 268 37.38 3.09 -24.54
CA LYS A 268 37.77 1.94 -25.38
C LYS A 268 38.69 0.99 -24.61
N GLN A 269 38.30 0.68 -23.36
CA GLN A 269 39.09 -0.14 -22.46
C GLN A 269 38.30 -1.28 -21.82
N ARG A 270 39.04 -2.36 -21.52
CA ARG A 270 38.48 -3.55 -20.90
C ARG A 270 38.47 -3.45 -19.39
N LEU A 271 37.30 -3.71 -18.78
CA LEU A 271 37.09 -3.71 -17.33
C LEU A 271 36.89 -5.18 -16.90
N GLU A 272 37.90 -5.76 -16.25
CA GLU A 272 37.85 -7.15 -15.79
C GLU A 272 37.49 -7.28 -14.30
N PHE A 273 36.53 -8.17 -13.99
CA PHE A 273 36.00 -8.40 -12.64
C PHE A 273 36.60 -9.62 -11.96
N ASP A 274 36.54 -9.62 -10.61
CA ASP A 274 37.04 -10.71 -9.78
C ASP A 274 35.94 -11.77 -9.51
N ILE A 275 35.39 -12.33 -10.61
CA ILE A 275 34.37 -13.39 -10.63
C ILE A 275 34.42 -14.10 -11.99
N SER A 276 34.43 -15.45 -11.98
CA SER A 276 34.38 -16.26 -13.19
C SER A 276 32.96 -16.19 -13.74
N VAL A 277 32.81 -16.31 -15.08
CA VAL A 277 31.53 -16.30 -15.80
C VAL A 277 30.58 -17.44 -15.31
N CYS A 278 31.16 -18.59 -14.91
CA CYS A 278 30.41 -19.73 -14.38
C CYS A 278 29.78 -19.40 -13.03
N ASP A 279 30.41 -18.48 -12.26
CA ASP A 279 29.96 -18.10 -10.93
C ASP A 279 28.95 -16.95 -10.89
N LEU A 280 28.56 -16.41 -12.05
CA LEU A 280 27.55 -15.36 -12.13
C LEU A 280 26.18 -15.95 -11.77
N PRO A 281 25.47 -15.46 -10.72
CA PRO A 281 24.14 -16.02 -10.42
C PRO A 281 23.11 -15.50 -11.43
N ARG A 282 21.95 -16.18 -11.51
CA ARG A 282 20.86 -15.85 -12.45
C ARG A 282 20.42 -14.40 -12.38
N MET A 283 20.32 -13.86 -11.16
CA MET A 283 19.85 -12.49 -10.96
C MET A 283 20.99 -11.47 -10.79
N ALA A 284 22.17 -11.77 -11.37
CA ALA A 284 23.30 -10.82 -11.33
C ALA A 284 23.00 -9.59 -12.19
N ARG A 285 23.26 -8.41 -11.61
CA ARG A 285 23.09 -7.13 -12.31
C ARG A 285 24.40 -6.34 -12.34
N LEU A 286 24.78 -5.89 -13.55
CA LEU A 286 25.98 -5.11 -13.82
C LEU A 286 25.52 -3.64 -13.61
N CYS A 287 26.15 -2.95 -12.64
CA CYS A 287 25.80 -1.58 -12.29
C CYS A 287 26.88 -0.60 -12.62
N PHE A 288 26.48 0.55 -13.18
CA PHE A 288 27.38 1.59 -13.61
C PHE A 288 27.04 2.94 -12.98
N ALA A 289 28.08 3.70 -12.61
CA ALA A 289 27.99 5.06 -12.09
C ALA A 289 29.03 5.96 -12.81
N LEU A 290 28.58 6.97 -13.53
CA LEU A 290 29.47 7.91 -14.22
C LEU A 290 29.52 9.18 -13.39
N TYR A 291 30.75 9.64 -13.10
CA TYR A 291 30.95 10.83 -12.28
C TYR A 291 32.18 11.62 -12.69
N ALA A 292 32.38 12.77 -12.05
CA ALA A 292 33.49 13.67 -12.31
C ALA A 292 34.30 13.90 -11.05
N VAL A 293 35.63 14.11 -11.21
CA VAL A 293 36.61 14.35 -10.13
C VAL A 293 37.61 15.45 -10.51
N VAL A 294 38.20 16.13 -9.52
CA VAL A 294 39.22 17.18 -9.71
C VAL A 294 40.57 16.52 -10.01
N ASP A 311 33.92 14.20 -5.18
CA ASP A 311 33.34 13.55 -6.35
C ASP A 311 32.02 14.24 -6.75
N CYS A 312 31.80 14.37 -8.07
CA CYS A 312 30.63 15.02 -8.66
C CYS A 312 29.74 14.00 -9.41
N PRO A 313 28.71 13.46 -8.72
CA PRO A 313 27.83 12.46 -9.36
C PRO A 313 27.05 12.96 -10.59
N ILE A 314 27.29 12.35 -11.75
CA ILE A 314 26.60 12.71 -12.99
C ILE A 314 25.38 11.82 -13.23
N ALA A 315 25.61 10.51 -13.48
CA ALA A 315 24.54 9.59 -13.84
C ALA A 315 24.85 8.14 -13.47
N TRP A 316 23.83 7.28 -13.54
CA TRP A 316 23.93 5.85 -13.22
C TRP A 316 23.03 5.02 -14.16
N ALA A 317 23.37 3.73 -14.37
CA ALA A 317 22.61 2.79 -15.21
C ALA A 317 22.95 1.36 -14.84
N ASN A 318 21.92 0.51 -14.76
CA ASN A 318 22.07 -0.91 -14.43
C ASN A 318 21.42 -1.75 -15.52
N LEU A 319 21.89 -2.99 -15.68
CA LEU A 319 21.31 -3.97 -16.60
C LEU A 319 21.51 -5.38 -16.00
N MET A 320 20.67 -6.33 -16.40
CA MET A 320 20.76 -7.74 -16.01
C MET A 320 21.72 -8.43 -16.96
N LEU A 321 22.63 -9.32 -16.44
CA LEU A 321 23.59 -10.05 -17.27
C LEU A 321 22.93 -11.15 -18.10
N PHE A 322 21.78 -11.65 -17.62
CA PHE A 322 20.95 -12.62 -18.34
C PHE A 322 19.64 -11.89 -18.76
N ASP A 323 19.05 -12.26 -19.91
CA ASP A 323 17.82 -11.61 -20.38
C ASP A 323 16.59 -12.31 -19.78
N TYR A 324 15.35 -11.93 -20.22
CA TYR A 324 14.13 -12.58 -19.72
C TYR A 324 14.01 -14.07 -20.15
N LYS A 325 14.78 -14.49 -21.15
CA LYS A 325 14.79 -15.85 -21.71
C LYS A 325 15.99 -16.70 -21.23
N ASP A 326 16.66 -16.27 -20.14
CA ASP A 326 17.78 -16.96 -19.46
C ASP A 326 19.12 -16.87 -20.22
N GLN A 327 19.16 -16.22 -21.40
CA GLN A 327 20.38 -16.07 -22.20
C GLN A 327 21.36 -15.05 -21.62
N LEU A 328 22.64 -15.44 -21.60
CA LEU A 328 23.74 -14.60 -21.16
C LEU A 328 23.94 -13.57 -22.27
N LYS A 329 23.79 -12.28 -21.94
CA LYS A 329 23.84 -11.19 -22.92
C LYS A 329 25.21 -10.99 -23.53
N THR A 330 25.25 -10.71 -24.85
CA THR A 330 26.45 -10.44 -25.64
C THR A 330 26.24 -9.24 -26.60
N GLY A 331 27.33 -8.76 -27.21
CA GLY A 331 27.31 -7.65 -28.14
C GLY A 331 27.24 -6.29 -27.49
N GLU A 332 26.88 -5.26 -28.29
CA GLU A 332 26.80 -3.86 -27.85
C GLU A 332 25.54 -3.53 -27.08
N ARG A 333 25.68 -2.61 -26.11
CA ARG A 333 24.57 -2.10 -25.29
C ARG A 333 24.67 -0.60 -25.14
N CYS A 334 23.59 0.12 -25.43
CA CYS A 334 23.58 1.55 -25.23
C CYS A 334 22.77 1.80 -23.99
N LEU A 335 23.46 2.18 -22.92
CA LEU A 335 22.81 2.37 -21.63
C LEU A 335 22.40 3.84 -21.46
N TYR A 336 21.08 4.11 -21.58
CA TYR A 336 20.57 5.47 -21.39
C TYR A 336 20.47 5.70 -19.90
N MET A 337 21.37 6.54 -19.40
CA MET A 337 21.59 6.81 -17.98
C MET A 337 20.55 7.65 -17.30
N TRP A 338 20.42 7.45 -15.97
CA TRP A 338 19.52 8.20 -15.12
C TRP A 338 20.38 9.21 -14.37
N PRO A 339 19.98 10.49 -14.31
CA PRO A 339 20.83 11.49 -13.65
C PRO A 339 20.77 11.43 -12.13
N SER A 340 21.95 11.35 -11.49
CA SER A 340 22.13 11.23 -10.04
C SER A 340 21.64 12.44 -9.24
N VAL A 341 21.21 12.19 -7.98
CA VAL A 341 20.68 13.17 -7.03
C VAL A 341 21.05 12.74 -5.59
N LEU A 348 28.19 5.44 -4.66
CA LEU A 348 27.55 6.10 -5.79
C LEU A 348 26.86 5.13 -6.75
N LEU A 349 27.18 3.82 -6.64
CA LEU A 349 26.54 2.80 -7.44
C LEU A 349 25.17 2.59 -6.85
N ASN A 350 24.17 2.38 -7.69
CA ASN A 350 22.78 2.24 -7.29
C ASN A 350 22.17 0.84 -7.60
N PRO A 351 22.57 -0.26 -6.90
CA PRO A 351 22.02 -1.58 -7.24
C PRO A 351 20.49 -1.70 -7.24
N ALA A 352 19.81 -0.98 -6.32
CA ALA A 352 18.35 -0.98 -6.19
C ALA A 352 17.62 -0.32 -7.36
N GLY A 353 18.34 0.48 -8.14
CA GLY A 353 17.77 1.18 -9.30
C GLY A 353 17.32 0.26 -10.41
N THR A 354 16.34 0.73 -11.22
CA THR A 354 15.78 -0.03 -12.36
C THR A 354 16.85 -0.56 -13.36
N VAL A 355 16.58 -1.71 -13.96
CA VAL A 355 17.45 -2.34 -14.96
C VAL A 355 16.98 -1.98 -16.38
N ARG A 356 16.12 -0.95 -16.49
CA ARG A 356 15.69 -0.50 -17.80
C ARG A 356 16.26 0.90 -18.01
N GLY A 357 16.64 1.20 -19.24
CA GLY A 357 17.24 2.48 -19.61
C GLY A 357 16.29 3.65 -19.54
N ASN A 358 16.84 4.85 -19.48
CA ASN A 358 16.08 6.09 -19.44
C ASN A 358 15.30 6.26 -20.77
N PRO A 359 13.97 6.45 -20.74
CA PRO A 359 13.21 6.53 -22.01
C PRO A 359 13.41 7.85 -22.78
N ASN A 360 13.90 8.90 -22.07
CA ASN A 360 14.20 10.22 -22.63
C ASN A 360 15.57 10.14 -23.32
N THR A 361 15.62 9.45 -24.49
CA THR A 361 16.82 9.23 -25.30
C THR A 361 17.49 10.54 -25.74
N GLU A 362 16.68 11.59 -26.00
CA GLU A 362 17.05 12.94 -26.43
C GLU A 362 18.03 13.63 -25.48
N SER A 363 17.71 13.66 -24.16
CA SER A 363 18.46 14.37 -23.12
C SER A 363 19.43 13.54 -22.26
N ALA A 364 19.12 12.24 -22.04
CA ALA A 364 19.95 11.37 -21.19
C ALA A 364 21.38 11.14 -21.70
N ALA A 365 22.31 10.99 -20.75
CA ALA A 365 23.70 10.62 -21.02
C ALA A 365 23.63 9.14 -21.46
N ALA A 366 24.45 8.73 -22.44
CA ALA A 366 24.41 7.34 -22.91
C ALA A 366 25.77 6.64 -22.90
N LEU A 367 25.95 5.61 -22.04
CA LEU A 367 27.20 4.82 -21.99
C LEU A 367 27.08 3.68 -22.98
N VAL A 368 28.11 3.47 -23.78
CA VAL A 368 28.16 2.39 -24.75
C VAL A 368 29.13 1.35 -24.20
N ILE A 369 28.65 0.11 -24.09
CA ILE A 369 29.44 -0.99 -23.56
C ILE A 369 29.41 -2.18 -24.52
N TYR A 370 30.31 -3.16 -24.32
CA TYR A 370 30.37 -4.37 -25.12
C TYR A 370 30.48 -5.62 -24.26
N LEU A 371 29.40 -6.40 -24.25
CA LEU A 371 29.35 -7.67 -23.52
C LEU A 371 30.02 -8.71 -24.45
N PRO A 372 31.21 -9.23 -24.07
CA PRO A 372 31.93 -10.15 -24.98
C PRO A 372 31.28 -11.52 -25.19
N GLU A 373 31.49 -12.09 -26.39
CA GLU A 373 30.97 -13.39 -26.77
C GLU A 373 31.91 -14.43 -26.14
N VAL A 374 31.48 -14.98 -25.00
CA VAL A 374 32.24 -15.95 -24.21
C VAL A 374 32.27 -17.36 -24.84
N ALA A 375 31.35 -17.64 -25.76
CA ALA A 375 31.18 -18.94 -26.42
C ALA A 375 30.73 -18.74 -27.88
N PRO A 376 31.10 -19.65 -28.82
CA PRO A 376 30.66 -19.46 -30.22
C PRO A 376 29.13 -19.54 -30.42
N HIS A 377 28.45 -20.36 -29.58
CA HIS A 377 27.00 -20.58 -29.60
C HIS A 377 26.31 -19.87 -28.41
N PRO A 378 24.96 -19.63 -28.42
CA PRO A 378 24.32 -18.97 -27.27
C PRO A 378 24.34 -19.79 -25.97
N VAL A 379 24.57 -19.10 -24.83
CA VAL A 379 24.65 -19.69 -23.50
C VAL A 379 23.47 -19.23 -22.63
N TYR A 380 22.66 -20.18 -22.15
CA TYR A 380 21.50 -19.91 -21.30
C TYR A 380 21.77 -20.41 -19.88
N PHE A 381 21.14 -19.79 -18.85
CA PHE A 381 21.31 -20.23 -17.47
C PHE A 381 20.86 -21.71 -17.33
N PRO A 382 21.59 -22.58 -16.59
CA PRO A 382 21.17 -23.98 -16.50
C PRO A 382 19.76 -24.14 -15.95
N ALA A 383 19.01 -25.11 -16.49
CA ALA A 383 17.65 -25.42 -16.05
C ALA A 383 17.68 -25.91 -14.58
N LEU A 384 16.50 -25.90 -13.92
CA LEU A 384 16.32 -26.35 -12.55
C LEU A 384 16.77 -27.82 -12.40
N GLU A 385 16.57 -28.64 -13.46
CA GLU A 385 16.94 -30.05 -13.63
C GLU A 385 18.46 -30.29 -13.46
N LYS A 386 19.30 -29.35 -13.94
CA LYS A 386 20.75 -29.39 -13.78
C LYS A 386 21.14 -28.93 -12.37
N ILE A 387 20.60 -27.76 -11.93
CA ILE A 387 20.83 -27.09 -10.65
C ILE A 387 20.62 -28.07 -9.47
N LEU A 388 19.46 -28.76 -9.46
CA LEU A 388 19.10 -29.73 -8.42
C LEU A 388 20.05 -30.91 -8.41
N GLU A 389 20.49 -31.35 -9.60
CA GLU A 389 21.43 -32.47 -9.73
C GLU A 389 22.77 -32.09 -9.07
N LEU A 390 23.28 -30.87 -9.30
CA LEU A 390 24.54 -30.40 -8.69
C LEU A 390 24.40 -30.18 -7.17
N GLY A 391 23.23 -29.67 -6.76
CA GLY A 391 22.90 -29.37 -5.37
C GLY A 391 22.55 -30.57 -4.51
N ARG A 392 22.12 -31.68 -5.15
CA ARG A 392 21.76 -32.97 -4.54
C ARG A 392 22.99 -33.56 -3.79
N HIS A 393 24.19 -33.16 -4.23
CA HIS A 393 25.45 -33.62 -3.65
C HIS A 393 26.03 -32.64 -2.66
N GLY A 394 26.19 -33.12 -1.43
CA GLY A 394 26.70 -32.38 -0.29
C GLY A 394 26.67 -33.24 0.96
N GLU A 395 27.75 -33.18 1.76
CA GLU A 395 27.89 -33.95 2.99
C GLU A 395 27.01 -33.31 4.06
N ARG A 396 26.29 -34.15 4.82
CA ARG A 396 25.41 -33.69 5.90
C ARG A 396 26.24 -33.27 7.11
N GLY A 397 25.84 -32.17 7.75
CA GLY A 397 26.51 -31.64 8.92
C GLY A 397 26.21 -32.49 10.14
N ARG A 398 27.25 -33.13 10.70
CA ARG A 398 27.10 -34.01 11.86
C ARG A 398 28.13 -33.71 12.96
N ILE A 399 27.85 -32.66 13.77
CA ILE A 399 28.71 -32.23 14.89
C ILE A 399 27.92 -32.30 16.24
N THR A 400 28.63 -32.16 17.37
CA THR A 400 28.21 -32.27 18.78
C THR A 400 27.00 -31.42 19.23
N GLU A 401 26.56 -31.66 20.50
CA GLU A 401 25.46 -30.98 21.21
C GLU A 401 25.84 -29.53 21.55
N GLU A 402 27.16 -29.27 21.70
CA GLU A 402 27.74 -27.95 22.03
C GLU A 402 27.38 -26.93 20.95
N GLU A 403 27.67 -27.25 19.67
CA GLU A 403 27.36 -26.41 18.53
C GLU A 403 25.86 -26.34 18.24
N GLN A 404 25.11 -27.39 18.62
CA GLN A 404 23.65 -27.47 18.44
C GLN A 404 22.97 -26.39 19.28
N LEU A 405 23.48 -26.17 20.51
CA LEU A 405 22.98 -25.13 21.42
C LEU A 405 23.40 -23.76 20.91
N GLN A 406 24.60 -23.68 20.28
CA GLN A 406 25.14 -22.44 19.72
C GLN A 406 24.42 -22.03 18.43
N LEU A 407 24.05 -23.01 17.60
CA LEU A 407 23.30 -22.86 16.35
C LEU A 407 21.86 -22.45 16.67
N ARG A 408 21.23 -23.09 17.69
CA ARG A 408 19.89 -22.76 18.16
C ARG A 408 19.85 -21.30 18.60
N GLU A 409 20.89 -20.85 19.34
CA GLU A 409 21.03 -19.48 19.83
C GLU A 409 20.99 -18.40 18.73
N ILE A 410 21.64 -18.65 17.57
CA ILE A 410 21.70 -17.69 16.45
C ILE A 410 20.53 -17.83 15.44
N LEU A 411 19.97 -19.04 15.28
CA LEU A 411 18.83 -19.26 14.37
C LEU A 411 17.51 -18.70 14.96
N GLU A 412 17.47 -18.57 16.29
CA GLU A 412 16.33 -18.02 17.06
C GLU A 412 16.53 -16.54 17.36
N ARG A 413 17.77 -16.04 17.16
CA ARG A 413 18.14 -14.64 17.38
C ARG A 413 17.51 -13.72 16.33
N GLY A 417 19.37 -9.42 12.26
CA GLY A 417 20.65 -9.11 12.89
C GLY A 417 21.84 -9.81 12.26
N GLU A 418 22.96 -9.07 12.10
CA GLU A 418 24.17 -9.61 11.49
C GLU A 418 24.93 -10.59 12.36
N LEU A 419 25.61 -11.55 11.69
CA LEU A 419 26.40 -12.63 12.28
C LEU A 419 27.88 -12.43 12.02
N TYR A 420 28.72 -13.19 12.75
CA TYR A 420 30.17 -13.20 12.59
C TYR A 420 30.57 -14.25 11.54
N GLU A 421 31.83 -14.22 11.09
CA GLU A 421 32.36 -15.16 10.10
C GLU A 421 32.13 -16.61 10.55
N HIS A 422 32.44 -16.92 11.84
CA HIS A 422 32.25 -18.26 12.41
C HIS A 422 30.75 -18.60 12.57
N GLU A 423 29.92 -17.61 12.93
CA GLU A 423 28.47 -17.79 13.08
C GLU A 423 27.82 -18.10 11.72
N LYS A 424 28.35 -17.49 10.64
CA LYS A 424 27.91 -17.68 9.27
C LYS A 424 28.28 -19.07 8.75
N ASP A 425 29.54 -19.49 8.98
CA ASP A 425 30.10 -20.80 8.59
C ASP A 425 29.35 -21.96 9.24
N LEU A 426 28.92 -21.80 10.50
CA LEU A 426 28.20 -22.82 11.26
C LEU A 426 26.78 -22.97 10.67
N VAL A 427 26.07 -21.85 10.42
CA VAL A 427 24.73 -21.83 9.78
C VAL A 427 24.79 -22.55 8.43
N TRP A 428 25.80 -22.22 7.59
CA TRP A 428 25.97 -22.84 6.28
C TRP A 428 26.25 -24.34 6.37
N LYS A 429 27.16 -24.75 7.28
CA LYS A 429 27.49 -26.15 7.50
C LYS A 429 26.25 -26.90 7.97
N MET A 430 25.47 -26.28 8.87
CA MET A 430 24.27 -26.90 9.44
C MET A 430 22.98 -26.56 8.68
N ARG A 431 23.08 -26.32 7.36
CA ARG A 431 21.96 -25.93 6.47
C ARG A 431 20.85 -27.01 6.34
N HIS A 432 21.21 -28.31 6.37
CA HIS A 432 20.22 -29.41 6.28
C HIS A 432 19.33 -29.42 7.51
N GLU A 433 19.92 -29.09 8.67
CA GLU A 433 19.23 -29.00 9.98
C GLU A 433 18.35 -27.78 10.00
N VAL A 434 18.73 -26.70 9.25
CA VAL A 434 17.92 -25.48 9.11
C VAL A 434 16.60 -25.86 8.41
N GLN A 435 16.66 -26.51 7.24
CA GLN A 435 15.47 -26.99 6.52
C GLN A 435 14.54 -27.83 7.38
N GLU A 436 15.07 -28.89 8.02
CA GLU A 436 14.31 -29.87 8.80
C GLU A 436 13.83 -29.42 10.20
N HIS A 437 14.66 -28.68 10.95
CA HIS A 437 14.35 -28.28 12.33
C HIS A 437 14.06 -26.80 12.53
N PHE A 438 14.59 -25.93 11.67
CA PHE A 438 14.36 -24.49 11.81
C PHE A 438 13.88 -23.87 10.46
N PRO A 439 12.76 -24.36 9.82
CA PRO A 439 12.35 -23.81 8.52
C PRO A 439 12.14 -22.28 8.44
N GLU A 440 11.73 -21.65 9.55
CA GLU A 440 11.48 -20.21 9.58
C GLU A 440 12.74 -19.35 9.58
N ALA A 441 13.92 -19.99 9.60
CA ALA A 441 15.22 -19.34 9.57
C ALA A 441 15.79 -19.39 8.15
N LEU A 442 14.90 -19.60 7.12
CA LEU A 442 15.29 -19.61 5.70
C LEU A 442 16.02 -18.33 5.31
N ALA A 443 15.49 -17.16 5.67
CA ALA A 443 16.09 -15.85 5.38
C ALA A 443 17.52 -15.72 5.95
N ARG A 444 17.76 -16.21 7.20
CA ARG A 444 19.12 -16.23 7.80
C ARG A 444 20.06 -17.04 6.90
N LEU A 445 19.62 -18.26 6.49
CA LEU A 445 20.42 -19.18 5.66
C LEU A 445 20.71 -18.59 4.28
N LEU A 446 19.72 -17.90 3.69
CA LEU A 446 19.85 -17.21 2.41
C LEU A 446 20.89 -16.10 2.44
N LEU A 447 20.93 -15.31 3.54
CA LEU A 447 21.91 -14.24 3.72
C LEU A 447 23.35 -14.73 3.93
N VAL A 448 23.54 -15.97 4.42
CA VAL A 448 24.89 -16.51 4.62
C VAL A 448 25.39 -17.26 3.34
N THR A 449 24.48 -17.59 2.40
CA THR A 449 24.80 -18.29 1.13
C THR A 449 25.73 -17.42 0.26
N LYS A 450 26.78 -18.01 -0.31
CA LYS A 450 27.68 -17.26 -1.20
C LYS A 450 27.08 -17.29 -2.60
N TRP A 451 26.40 -16.19 -2.95
CA TRP A 451 25.69 -16.01 -4.22
C TRP A 451 26.65 -15.82 -5.36
N ASN A 452 27.95 -15.67 -5.04
CA ASN A 452 29.03 -15.53 -6.01
C ASN A 452 29.70 -16.90 -6.28
N LYS A 453 29.06 -18.02 -5.89
CA LYS A 453 29.58 -19.39 -6.10
C LYS A 453 28.46 -20.32 -6.61
N HIS A 454 28.62 -20.82 -7.85
CA HIS A 454 27.65 -21.68 -8.54
C HIS A 454 27.35 -22.98 -7.77
N GLU A 455 28.38 -23.59 -7.14
CA GLU A 455 28.24 -24.82 -6.33
C GLU A 455 27.42 -24.56 -5.05
N ASP A 456 27.73 -23.46 -4.32
CA ASP A 456 26.99 -23.09 -3.09
C ASP A 456 25.54 -22.73 -3.39
N VAL A 457 25.28 -22.02 -4.50
CA VAL A 457 23.94 -21.63 -4.93
C VAL A 457 23.08 -22.86 -5.26
N ALA A 458 23.66 -23.83 -5.98
CA ALA A 458 23.01 -25.12 -6.31
C ALA A 458 22.63 -25.90 -5.06
N GLN A 459 23.47 -25.85 -4.00
CA GLN A 459 23.20 -26.55 -2.72
C GLN A 459 22.09 -25.82 -1.95
N MET A 460 22.05 -24.48 -2.04
CA MET A 460 21.01 -23.69 -1.39
C MET A 460 19.68 -23.96 -2.10
N LEU A 461 19.69 -23.88 -3.46
CA LEU A 461 18.52 -24.10 -4.29
C LEU A 461 17.99 -25.53 -4.17
N TYR A 462 18.85 -26.56 -3.88
CA TYR A 462 18.36 -27.93 -3.67
C TYR A 462 17.43 -28.00 -2.42
N LEU A 463 17.87 -27.33 -1.33
CA LEU A 463 17.15 -27.28 -0.07
C LEU A 463 15.86 -26.49 -0.19
N LEU A 464 15.90 -25.41 -0.97
CA LEU A 464 14.75 -24.52 -1.17
C LEU A 464 13.61 -25.20 -1.90
N CYS A 465 13.93 -26.01 -2.94
CA CYS A 465 12.91 -26.65 -3.76
C CYS A 465 12.07 -27.71 -3.01
N SER A 466 12.57 -28.18 -1.86
CA SER A 466 11.86 -29.09 -0.97
C SER A 466 11.62 -28.44 0.43
N TRP A 467 11.74 -27.08 0.52
CA TRP A 467 11.53 -26.34 1.77
C TRP A 467 10.03 -26.28 2.06
N PRO A 468 9.58 -26.50 3.31
CA PRO A 468 8.13 -26.38 3.59
C PRO A 468 7.68 -24.92 3.42
N GLU A 469 6.40 -24.74 3.01
CA GLU A 469 5.78 -23.41 2.89
C GLU A 469 5.87 -22.72 4.25
N LEU A 470 6.18 -21.41 4.24
CA LEU A 470 6.37 -20.65 5.46
C LEU A 470 5.17 -19.74 5.78
N PRO A 471 4.99 -19.23 7.03
CA PRO A 471 3.87 -18.31 7.31
C PRO A 471 3.95 -17.04 6.47
N VAL A 472 2.83 -16.33 6.37
CA VAL A 472 2.72 -15.07 5.63
C VAL A 472 3.80 -14.04 6.07
N LEU A 473 4.08 -13.93 7.42
CA LEU A 473 5.07 -13.01 7.98
C LEU A 473 6.50 -13.26 7.45
N SER A 474 6.89 -14.55 7.36
CA SER A 474 8.20 -14.94 6.87
C SER A 474 8.28 -14.59 5.38
N ALA A 475 7.22 -14.92 4.60
CA ALA A 475 7.14 -14.66 3.15
C ALA A 475 7.30 -13.19 2.84
N LEU A 476 6.74 -12.32 3.70
CA LEU A 476 6.83 -10.85 3.54
C LEU A 476 8.27 -10.37 3.61
N GLU A 477 9.07 -10.97 4.51
CA GLU A 477 10.49 -10.67 4.68
C GLU A 477 11.27 -11.01 3.41
N LEU A 478 10.93 -12.15 2.80
CA LEU A 478 11.58 -12.70 1.61
C LEU A 478 11.36 -11.89 0.32
N LEU A 479 10.36 -10.99 0.28
CA LEU A 479 10.10 -10.14 -0.90
C LEU A 479 11.04 -8.94 -0.94
N ASP A 480 11.80 -8.72 0.16
CA ASP A 480 12.80 -7.65 0.31
C ASP A 480 13.86 -7.77 -0.81
N PHE A 481 14.47 -6.65 -1.22
CA PHE A 481 15.50 -6.62 -2.26
C PHE A 481 16.75 -7.46 -1.88
N SER A 482 16.98 -7.68 -0.55
CA SER A 482 18.03 -8.53 0.01
C SER A 482 17.92 -9.99 -0.43
N PHE A 483 16.76 -10.36 -0.99
CA PHE A 483 16.50 -11.71 -1.49
C PHE A 483 16.18 -11.60 -2.98
N PRO A 484 17.18 -11.31 -3.87
CA PRO A 484 16.85 -11.10 -5.29
C PRO A 484 16.65 -12.35 -6.17
N ASP A 485 16.99 -13.56 -5.67
CA ASP A 485 16.85 -14.77 -6.47
C ASP A 485 15.42 -15.04 -6.92
N CYS A 486 15.26 -15.44 -8.19
CA CYS A 486 13.99 -15.74 -8.85
C CYS A 486 13.28 -16.96 -8.26
N TYR A 487 14.04 -17.95 -7.79
CA TYR A 487 13.47 -19.14 -7.15
C TYR A 487 13.03 -18.82 -5.73
N VAL A 488 13.80 -17.95 -5.04
CA VAL A 488 13.45 -17.44 -3.70
C VAL A 488 12.17 -16.62 -3.83
N GLY A 489 12.14 -15.67 -4.80
CA GLY A 489 10.98 -14.83 -5.11
C GLY A 489 9.72 -15.62 -5.41
N SER A 490 9.87 -16.70 -6.18
CA SER A 490 8.82 -17.63 -6.55
C SER A 490 8.36 -18.42 -5.34
N PHE A 491 9.31 -18.77 -4.42
CA PHE A 491 8.98 -19.47 -3.17
C PHE A 491 8.17 -18.56 -2.26
N ALA A 492 8.58 -17.28 -2.20
CA ALA A 492 7.94 -16.23 -1.37
C ALA A 492 6.49 -16.02 -1.74
N ILE A 493 6.18 -16.02 -3.07
CA ILE A 493 4.82 -15.87 -3.63
C ILE A 493 3.96 -17.10 -3.32
N LYS A 494 4.55 -18.30 -3.48
CA LYS A 494 3.89 -19.59 -3.19
C LYS A 494 3.39 -19.63 -1.77
N SER A 495 4.19 -19.15 -0.78
CA SER A 495 3.80 -19.06 0.62
C SER A 495 2.78 -17.94 0.82
N LEU A 496 2.76 -16.86 -0.05
CA LEU A 496 1.75 -15.78 0.08
C LEU A 496 0.40 -16.12 -0.58
N ARG A 497 0.27 -17.29 -1.19
CA ARG A 497 -1.00 -17.64 -1.84
C ARG A 497 -2.13 -17.84 -0.83
N LYS A 498 -1.78 -18.17 0.40
CA LYS A 498 -2.72 -18.43 1.49
C LYS A 498 -3.23 -17.14 2.13
N LEU A 499 -2.74 -15.94 1.66
CA LEU A 499 -3.22 -14.64 2.13
C LEU A 499 -4.72 -14.57 1.88
N THR A 500 -5.48 -13.97 2.81
CA THR A 500 -6.89 -13.76 2.57
C THR A 500 -6.92 -12.46 1.74
N ASP A 501 -8.09 -12.11 1.20
CA ASP A 501 -8.29 -10.89 0.42
C ASP A 501 -8.14 -9.65 1.32
N ASP A 502 -8.63 -9.73 2.56
CA ASP A 502 -8.49 -8.67 3.57
C ASP A 502 -6.97 -8.46 3.89
N GLU A 503 -6.23 -9.55 4.10
CA GLU A 503 -4.78 -9.49 4.34
C GLU A 503 -4.04 -8.97 3.13
N LEU A 504 -4.40 -9.43 1.91
CA LEU A 504 -3.79 -8.97 0.66
C LEU A 504 -4.08 -7.49 0.48
N PHE A 505 -5.32 -7.07 0.81
CA PHE A 505 -5.71 -5.66 0.72
C PHE A 505 -4.86 -4.81 1.65
N GLN A 506 -4.62 -5.31 2.88
CA GLN A 506 -3.80 -4.62 3.87
C GLN A 506 -2.36 -4.36 3.34
N TYR A 507 -1.76 -5.36 2.65
CA TYR A 507 -0.37 -5.29 2.19
C TYR A 507 -0.18 -4.97 0.72
N LEU A 508 -1.28 -4.71 -0.02
CA LEU A 508 -1.26 -4.38 -1.48
C LEU A 508 -0.33 -3.25 -1.81
N LEU A 509 -0.38 -2.15 -1.03
CA LEU A 509 0.51 -1.01 -1.21
C LEU A 509 1.99 -1.44 -1.25
N GLN A 510 2.43 -2.24 -0.26
CA GLN A 510 3.82 -2.70 -0.20
C GLN A 510 4.12 -3.67 -1.36
N LEU A 511 3.18 -4.60 -1.69
CA LEU A 511 3.37 -5.52 -2.82
C LEU A 511 3.57 -4.79 -4.17
N VAL A 512 2.81 -3.66 -4.40
CA VAL A 512 2.94 -2.85 -5.62
C VAL A 512 4.34 -2.21 -5.65
N GLN A 513 4.84 -1.78 -4.46
CA GLN A 513 6.22 -1.24 -4.39
C GLN A 513 7.28 -2.29 -4.75
N VAL A 514 7.04 -3.58 -4.40
CA VAL A 514 8.00 -4.68 -4.71
C VAL A 514 8.20 -4.81 -6.25
N LEU A 515 7.18 -4.43 -7.04
CA LEU A 515 7.23 -4.44 -8.52
C LEU A 515 8.39 -3.58 -9.06
N LYS A 516 8.80 -2.52 -8.32
CA LYS A 516 9.91 -1.60 -8.64
C LYS A 516 11.29 -2.25 -8.45
N TYR A 517 11.33 -3.37 -7.71
CA TYR A 517 12.55 -4.15 -7.47
C TYR A 517 12.77 -5.17 -8.58
N GLU A 518 11.66 -5.70 -9.20
CA GLU A 518 11.63 -6.73 -10.25
C GLU A 518 12.56 -6.46 -11.45
N SER A 519 13.30 -7.49 -11.83
CA SER A 519 14.28 -7.45 -12.91
C SER A 519 13.66 -7.69 -14.28
N TYR A 520 12.46 -8.31 -14.33
CA TYR A 520 11.73 -8.60 -15.57
C TYR A 520 10.28 -8.24 -15.47
N LEU A 521 9.63 -8.08 -16.62
CA LEU A 521 8.22 -7.69 -16.72
C LEU A 521 7.33 -8.86 -16.36
N ASP A 522 7.53 -10.01 -17.03
CA ASP A 522 6.76 -11.22 -16.76
C ASP A 522 7.41 -11.86 -15.55
N CYS A 523 6.74 -11.74 -14.42
CA CYS A 523 7.20 -12.25 -13.14
C CYS A 523 6.06 -12.88 -12.34
N GLU A 524 6.41 -13.71 -11.33
CA GLU A 524 5.42 -14.38 -10.50
C GLU A 524 4.54 -13.43 -9.72
N LEU A 525 5.09 -12.32 -9.23
CA LEU A 525 4.36 -11.35 -8.40
C LEU A 525 3.30 -10.62 -9.23
N THR A 526 3.65 -10.19 -10.46
CA THR A 526 2.71 -9.56 -11.36
C THR A 526 1.51 -10.47 -11.64
N LYS A 527 1.75 -11.77 -11.93
CA LYS A 527 0.68 -12.75 -12.22
C LYS A 527 -0.18 -12.96 -11.00
N PHE A 528 0.45 -13.05 -9.82
CA PHE A 528 -0.26 -13.19 -8.55
C PHE A 528 -1.22 -12.01 -8.34
N LEU A 529 -0.69 -10.78 -8.31
CA LEU A 529 -1.48 -9.57 -8.17
C LEU A 529 -2.58 -9.50 -9.24
N LEU A 530 -2.25 -9.84 -10.53
CA LEU A 530 -3.25 -9.80 -11.60
C LEU A 530 -4.42 -10.75 -11.33
N GLY A 531 -4.11 -12.02 -10.96
CA GLY A 531 -5.08 -13.07 -10.67
C GLY A 531 -6.00 -12.72 -9.52
N ARG A 532 -5.42 -12.21 -8.44
CA ARG A 532 -6.14 -11.83 -7.24
C ARG A 532 -7.05 -10.61 -7.52
N ALA A 533 -6.56 -9.62 -8.32
CA ALA A 533 -7.31 -8.42 -8.72
C ALA A 533 -8.51 -8.79 -9.60
N LEU A 534 -8.35 -9.77 -10.48
CA LEU A 534 -9.41 -10.19 -11.37
C LEU A 534 -10.46 -11.00 -10.62
N ALA A 535 -10.05 -11.64 -9.51
CA ALA A 535 -10.86 -12.47 -8.60
C ALA A 535 -11.59 -11.64 -7.52
N ASN A 536 -11.18 -10.36 -7.31
CA ASN A 536 -11.78 -9.49 -6.29
C ASN A 536 -11.77 -8.04 -6.83
N ARG A 537 -12.99 -7.46 -7.04
CA ARG A 537 -13.19 -6.13 -7.64
C ARG A 537 -12.56 -4.99 -6.84
N LYS A 538 -12.59 -5.08 -5.47
CA LYS A 538 -11.96 -4.13 -4.55
C LYS A 538 -10.45 -4.21 -4.74
N ILE A 539 -9.86 -5.44 -4.79
CA ILE A 539 -8.43 -5.62 -5.07
C ILE A 539 -8.08 -4.96 -6.43
N GLY A 540 -8.90 -5.27 -7.44
CA GLY A 540 -8.78 -4.73 -8.80
C GLY A 540 -8.78 -3.21 -8.84
N HIS A 541 -9.70 -2.62 -8.11
CA HIS A 541 -9.84 -1.17 -8.00
C HIS A 541 -8.56 -0.49 -7.46
N PHE A 542 -8.06 -0.98 -6.33
CA PHE A 542 -6.90 -0.39 -5.68
C PHE A 542 -5.60 -0.75 -6.38
N LEU A 543 -5.50 -1.97 -6.98
CA LEU A 543 -4.27 -2.31 -7.74
C LEU A 543 -4.20 -1.33 -8.90
N PHE A 544 -5.34 -1.09 -9.62
CA PHE A 544 -5.37 -0.12 -10.73
C PHE A 544 -4.86 1.27 -10.24
N TRP A 545 -5.47 1.81 -9.16
CA TRP A 545 -5.10 3.16 -8.70
C TRP A 545 -3.67 3.33 -8.23
N HIS A 546 -3.11 2.33 -7.56
CA HIS A 546 -1.72 2.31 -7.09
C HIS A 546 -0.75 2.44 -8.24
N LEU A 547 -1.04 1.72 -9.35
CA LEU A 547 -0.27 1.76 -10.58
C LEU A 547 -0.52 3.09 -11.32
N ARG A 548 -1.80 3.46 -11.56
CA ARG A 548 -2.19 4.69 -12.27
C ARG A 548 -1.59 5.94 -11.68
N SER A 549 -1.49 6.00 -10.34
CA SER A 549 -0.97 7.16 -9.64
C SER A 549 0.55 7.40 -9.86
N GLU A 550 1.26 6.44 -10.49
CA GLU A 550 2.69 6.58 -10.78
C GLU A 550 3.01 6.54 -12.28
N MET A 551 2.00 6.73 -13.17
CA MET A 551 2.25 6.77 -14.61
C MET A 551 3.12 7.98 -15.06
N HIS A 552 3.30 8.96 -14.16
CA HIS A 552 4.08 10.17 -14.41
C HIS A 552 5.56 9.92 -14.11
N VAL A 553 5.90 8.77 -13.53
CA VAL A 553 7.24 8.40 -13.14
C VAL A 553 7.83 7.51 -14.26
N PRO A 554 8.78 8.04 -15.06
CA PRO A 554 9.31 7.28 -16.21
C PRO A 554 9.91 5.90 -15.93
N SER A 555 10.55 5.73 -14.78
CA SER A 555 11.15 4.45 -14.39
C SER A 555 10.13 3.32 -14.21
N VAL A 556 8.85 3.64 -14.02
CA VAL A 556 7.81 2.62 -13.82
C VAL A 556 6.68 2.66 -14.85
N ALA A 557 6.52 3.79 -15.59
CA ALA A 557 5.44 4.03 -16.55
C ALA A 557 5.17 2.85 -17.49
N LEU A 558 6.23 2.22 -18.07
CA LEU A 558 6.08 1.07 -18.98
C LEU A 558 5.56 -0.18 -18.25
N ARG A 559 6.24 -0.62 -17.18
CA ARG A 559 5.79 -1.75 -16.38
C ARG A 559 4.34 -1.51 -15.89
N PHE A 560 4.07 -0.37 -15.22
CA PHE A 560 2.71 -0.12 -14.67
C PHE A 560 1.62 -0.05 -15.75
N GLY A 561 1.95 0.59 -16.87
CA GLY A 561 1.07 0.71 -18.05
C GLY A 561 0.68 -0.65 -18.61
N LEU A 562 1.65 -1.57 -18.66
CA LEU A 562 1.48 -2.94 -19.16
C LEU A 562 0.63 -3.79 -18.25
N ILE A 563 0.75 -3.60 -16.92
CA ILE A 563 -0.05 -4.35 -15.96
C ILE A 563 -1.51 -3.88 -16.06
N MET A 564 -1.72 -2.55 -16.19
CA MET A 564 -3.05 -1.94 -16.26
C MET A 564 -3.79 -2.32 -17.55
N GLU A 565 -3.06 -2.43 -18.67
CA GLU A 565 -3.62 -2.85 -19.95
C GLU A 565 -4.16 -4.26 -19.78
N ALA A 566 -3.33 -5.16 -19.22
CA ALA A 566 -3.67 -6.57 -19.02
C ALA A 566 -4.92 -6.68 -18.15
N TYR A 567 -4.96 -5.94 -17.01
CA TYR A 567 -6.13 -5.95 -16.13
C TYR A 567 -7.41 -5.61 -16.93
N CYS A 568 -7.36 -4.51 -17.71
CA CYS A 568 -8.44 -4.07 -18.59
C CYS A 568 -8.94 -5.15 -19.56
N ARG A 569 -8.04 -6.04 -20.03
CA ARG A 569 -8.38 -7.18 -20.93
C ARG A 569 -9.19 -8.21 -20.18
N GLY A 570 -9.00 -8.24 -18.87
CA GLY A 570 -9.68 -9.16 -17.97
C GLY A 570 -11.00 -8.62 -17.43
N SER A 571 -11.26 -7.31 -17.56
CA SER A 571 -12.50 -6.66 -17.06
C SER A 571 -12.83 -5.37 -17.80
N THR A 572 -13.50 -5.54 -18.96
CA THR A 572 -13.96 -4.47 -19.85
C THR A 572 -14.93 -3.52 -19.11
N HIS A 573 -15.84 -4.08 -18.30
CA HIS A 573 -16.81 -3.28 -17.56
C HIS A 573 -16.17 -2.36 -16.51
N HIS A 574 -15.28 -2.90 -15.67
CA HIS A 574 -14.58 -2.15 -14.63
C HIS A 574 -13.64 -1.07 -15.23
N MET A 575 -13.06 -1.30 -16.44
CA MET A 575 -12.27 -0.31 -17.19
C MET A 575 -13.13 0.97 -17.41
N LYS A 576 -14.37 0.79 -17.85
CA LYS A 576 -15.35 1.86 -18.09
C LYS A 576 -15.75 2.55 -16.77
N VAL A 577 -15.89 1.74 -15.68
CA VAL A 577 -16.22 2.22 -14.34
C VAL A 577 -15.09 3.13 -13.89
N LEU A 578 -13.85 2.72 -14.17
CA LEU A 578 -12.62 3.43 -13.83
C LEU A 578 -12.44 4.67 -14.69
N MET A 579 -12.84 4.61 -15.99
CA MET A 579 -12.82 5.78 -16.88
C MET A 579 -13.75 6.88 -16.34
N LYS A 580 -14.94 6.49 -15.85
CA LYS A 580 -15.89 7.44 -15.25
C LYS A 580 -15.20 8.14 -14.07
N GLN A 581 -14.42 7.39 -13.24
CA GLN A 581 -13.65 8.01 -12.15
C GLN A 581 -12.56 8.97 -12.66
N GLY A 582 -11.86 8.58 -13.74
CA GLY A 582 -10.84 9.41 -14.36
C GLY A 582 -11.37 10.71 -14.94
N GLU A 583 -12.62 10.69 -15.47
CA GLU A 583 -13.28 11.89 -16.03
C GLU A 583 -13.61 12.88 -14.93
N ALA A 584 -14.03 12.37 -13.75
CA ALA A 584 -14.33 13.23 -12.61
C ALA A 584 -13.03 13.91 -12.15
N LEU A 585 -11.96 13.13 -12.08
CA LEU A 585 -10.65 13.62 -11.61
C LEU A 585 -10.04 14.65 -12.48
N SER A 586 -10.36 14.55 -13.79
CA SER A 586 -9.95 15.46 -14.86
C SER A 586 -10.59 16.80 -14.64
N LYS A 587 -11.91 16.82 -14.39
CA LYS A 587 -12.70 18.01 -14.11
C LYS A 587 -12.28 18.71 -12.80
N LEU A 588 -11.96 17.91 -11.76
CA LEU A 588 -11.56 18.40 -10.45
C LEU A 588 -10.23 19.15 -10.55
N LYS A 589 -9.33 18.66 -11.42
CA LYS A 589 -8.03 19.27 -11.70
C LYS A 589 -8.29 20.62 -12.37
N ALA A 590 -9.13 20.63 -13.42
CA ALA A 590 -9.49 21.85 -14.12
C ALA A 590 -10.12 22.86 -13.13
N LEU A 591 -11.14 22.42 -12.34
CA LEU A 591 -11.80 23.23 -11.32
C LEU A 591 -10.83 23.75 -10.26
N ASN A 592 -9.90 22.88 -9.75
CA ASN A 592 -8.90 23.27 -8.74
C ASN A 592 -7.91 24.29 -9.28
N ASP A 593 -7.52 24.16 -10.58
CA ASP A 593 -6.64 25.14 -11.28
C ASP A 593 -7.28 26.53 -11.28
N PHE A 594 -8.59 26.60 -11.57
CA PHE A 594 -9.34 27.86 -11.55
C PHE A 594 -9.29 28.51 -10.16
N VAL A 595 -9.59 27.72 -9.12
CA VAL A 595 -9.68 28.14 -7.73
C VAL A 595 -8.34 28.72 -7.27
N LYS A 596 -7.26 28.03 -7.59
CA LYS A 596 -5.90 28.44 -7.27
C LYS A 596 -5.64 29.88 -7.76
N VAL A 597 -6.01 30.18 -9.02
CA VAL A 597 -5.83 31.50 -9.67
C VAL A 597 -6.78 32.54 -9.07
N SER A 598 -8.08 32.18 -8.98
CA SER A 598 -9.12 33.07 -8.44
C SER A 598 -8.92 33.49 -6.98
N SER A 599 -8.41 32.59 -6.15
CA SER A 599 -8.16 32.83 -4.72
C SER A 599 -7.08 33.90 -4.47
N GLN A 600 -6.33 34.26 -5.51
CA GLN A 600 -5.26 35.26 -5.48
C GLN A 600 -5.70 36.60 -6.09
N LYS A 601 -6.94 36.65 -6.62
CA LYS A 601 -7.46 37.83 -7.32
C LYS A 601 -8.74 38.41 -6.74
N THR A 602 -9.42 37.69 -5.83
CA THR A 602 -10.70 38.14 -5.28
C THR A 602 -11.03 37.54 -3.88
N THR A 603 -12.20 37.88 -3.29
CA THR A 603 -12.67 37.39 -1.97
C THR A 603 -13.07 35.90 -2.03
N LYS A 604 -13.19 35.22 -0.87
CA LYS A 604 -13.58 33.80 -0.82
C LYS A 604 -15.00 33.57 -1.35
N PRO A 605 -16.07 34.34 -0.95
CA PRO A 605 -17.40 34.07 -1.53
C PRO A 605 -17.43 34.23 -3.04
N GLN A 606 -16.55 35.09 -3.57
CA GLN A 606 -16.42 35.33 -5.00
C GLN A 606 -15.88 34.08 -5.73
N THR A 607 -14.73 33.52 -5.27
CA THR A 607 -14.16 32.30 -5.86
C THR A 607 -15.14 31.11 -5.71
N LYS A 608 -15.78 30.99 -4.53
CA LYS A 608 -16.75 29.92 -4.18
C LYS A 608 -17.98 29.98 -5.12
N GLU A 609 -18.51 31.19 -5.37
CA GLU A 609 -19.64 31.39 -6.29
C GLU A 609 -19.26 31.06 -7.74
N MET A 610 -18.04 31.44 -8.15
CA MET A 610 -17.51 31.18 -9.50
C MET A 610 -17.27 29.68 -9.71
N MET A 611 -16.74 28.99 -8.65
CA MET A 611 -16.50 27.56 -8.57
C MET A 611 -17.83 26.85 -8.82
N HIS A 612 -18.89 27.35 -8.19
CA HIS A 612 -20.25 26.82 -8.29
C HIS A 612 -20.80 26.94 -9.68
N MET A 613 -20.59 28.12 -10.34
CA MET A 613 -21.04 28.36 -11.70
C MET A 613 -20.37 27.34 -12.61
N CYS A 614 -19.03 27.18 -12.46
CA CYS A 614 -18.26 26.23 -13.23
C CYS A 614 -18.78 24.81 -13.08
N MET A 615 -19.08 24.38 -11.81
CA MET A 615 -19.59 23.03 -11.53
C MET A 615 -20.96 22.80 -12.14
N ARG A 616 -21.82 23.85 -12.12
CA ARG A 616 -23.19 23.79 -12.63
C ARG A 616 -23.29 23.65 -14.15
N GLN A 617 -22.18 23.77 -14.87
CA GLN A 617 -22.12 23.52 -16.31
C GLN A 617 -22.45 22.05 -16.55
N GLU A 618 -23.14 21.77 -17.68
CA GLU A 618 -23.55 20.43 -18.12
C GLU A 618 -22.38 19.42 -18.07
N THR A 619 -21.20 19.80 -18.61
CA THR A 619 -20.00 18.96 -18.64
C THR A 619 -19.51 18.56 -17.24
N TYR A 620 -19.55 19.51 -16.28
CA TYR A 620 -19.12 19.28 -14.92
C TYR A 620 -20.13 18.49 -14.13
N MET A 621 -21.44 18.79 -14.30
CA MET A 621 -22.51 18.06 -13.63
C MET A 621 -22.48 16.61 -14.08
N GLU A 622 -22.35 16.35 -15.39
CA GLU A 622 -22.22 14.98 -15.93
C GLU A 622 -21.00 14.19 -15.40
N ALA A 623 -19.81 14.82 -15.43
CA ALA A 623 -18.59 14.13 -15.04
C ALA A 623 -18.41 13.90 -13.56
N LEU A 624 -18.89 14.82 -12.73
CA LEU A 624 -18.68 14.75 -11.29
C LEU A 624 -19.70 13.95 -10.54
N SER A 625 -20.75 13.49 -11.22
CA SER A 625 -21.83 12.77 -10.56
C SER A 625 -21.91 11.32 -11.02
N HIS A 626 -22.55 10.45 -10.24
CA HIS A 626 -22.85 9.04 -10.53
C HIS A 626 -21.58 8.22 -10.80
N LEU A 627 -20.76 8.08 -9.79
CA LEU A 627 -19.53 7.31 -9.95
C LEU A 627 -19.23 6.57 -8.67
N GLN A 628 -18.39 5.54 -8.74
CA GLN A 628 -17.92 4.83 -7.57
C GLN A 628 -16.80 5.70 -7.07
N SER A 629 -16.65 5.77 -5.75
CA SER A 629 -15.59 6.60 -5.18
C SER A 629 -14.19 5.96 -5.39
N PRO A 630 -13.17 6.70 -5.88
CA PRO A 630 -11.82 6.11 -5.95
C PRO A 630 -11.29 5.78 -4.55
N LEU A 631 -11.78 6.47 -3.49
CA LEU A 631 -11.35 6.18 -2.14
C LEU A 631 -11.92 4.85 -1.57
N ASP A 632 -13.10 4.42 -2.09
CA ASP A 632 -13.83 3.22 -1.66
C ASP A 632 -14.87 2.86 -2.72
N PRO A 633 -14.66 1.78 -3.49
CA PRO A 633 -15.64 1.45 -4.57
C PRO A 633 -17.04 1.04 -4.06
N SER A 634 -17.18 0.80 -2.74
CA SER A 634 -18.47 0.50 -2.09
C SER A 634 -19.27 1.82 -1.95
N THR A 635 -18.52 2.93 -1.82
CA THR A 635 -19.11 4.27 -1.72
C THR A 635 -19.48 4.73 -3.12
N LEU A 636 -20.75 5.10 -3.28
CA LEU A 636 -21.32 5.64 -4.50
C LEU A 636 -21.48 7.16 -4.30
N LEU A 637 -20.87 7.96 -5.18
CA LEU A 637 -20.96 9.42 -5.14
C LEU A 637 -22.00 9.72 -6.17
N GLU A 638 -23.22 10.08 -5.73
CA GLU A 638 -24.34 10.21 -6.63
C GLU A 638 -24.60 11.63 -7.15
N GLU A 639 -25.27 12.48 -6.37
CA GLU A 639 -25.58 13.86 -6.80
C GLU A 639 -24.60 14.80 -6.15
N VAL A 640 -23.82 15.51 -6.95
CA VAL A 640 -22.91 16.51 -6.41
C VAL A 640 -23.76 17.62 -5.85
N CYS A 641 -23.53 18.02 -4.58
CA CYS A 641 -24.28 19.09 -3.94
C CYS A 641 -23.43 20.31 -4.12
N VAL A 642 -23.53 20.98 -5.28
CA VAL A 642 -22.78 22.18 -5.65
C VAL A 642 -22.76 23.26 -4.52
N GLU A 643 -23.94 23.59 -3.93
CA GLU A 643 -24.04 24.61 -2.85
C GLU A 643 -23.18 24.31 -1.60
N GLN A 644 -22.95 23.04 -1.33
CA GLN A 644 -22.16 22.58 -0.20
C GLN A 644 -20.68 22.44 -0.59
N CYS A 645 -20.31 22.63 -1.88
CA CYS A 645 -18.91 22.52 -2.26
C CYS A 645 -18.18 23.80 -1.96
N THR A 646 -16.92 23.68 -1.55
CA THR A 646 -16.07 24.81 -1.28
C THR A 646 -14.62 24.38 -1.56
N PHE A 647 -13.66 25.11 -1.03
CA PHE A 647 -12.23 24.87 -1.13
C PHE A 647 -11.61 25.33 0.19
N MET A 648 -10.44 24.78 0.56
CA MET A 648 -9.75 25.15 1.78
C MET A 648 -8.75 26.26 1.56
N ASP A 649 -8.39 26.97 2.65
CA ASP A 649 -7.50 28.13 2.60
C ASP A 649 -6.04 27.81 2.53
N SER A 650 -5.65 26.54 2.71
CA SER A 650 -4.25 26.11 2.66
C SER A 650 -3.64 26.29 1.27
N LYS A 651 -2.30 26.26 1.18
CA LYS A 651 -1.47 26.53 0.00
C LYS A 651 -2.06 26.08 -1.36
N MET A 652 -2.45 24.81 -1.46
CA MET A 652 -2.96 24.21 -2.70
C MET A 652 -4.44 24.43 -2.94
N LYS A 653 -5.12 25.13 -2.01
CA LYS A 653 -6.57 25.42 -2.06
C LYS A 653 -7.36 24.10 -2.34
N PRO A 654 -7.19 23.03 -1.51
CA PRO A 654 -7.87 21.77 -1.81
C PRO A 654 -9.37 21.94 -1.94
N LEU A 655 -9.95 21.24 -2.90
CA LEU A 655 -11.39 21.33 -3.12
C LEU A 655 -12.11 20.46 -2.10
N TRP A 656 -13.29 20.88 -1.64
CA TRP A 656 -14.10 20.17 -0.67
C TRP A 656 -15.41 19.86 -1.41
N ILE A 657 -15.60 18.60 -1.84
CA ILE A 657 -16.75 18.19 -2.67
C ILE A 657 -17.75 17.37 -1.90
N MET A 658 -19.02 17.80 -1.87
CA MET A 658 -20.08 17.11 -1.13
C MET A 658 -21.04 16.39 -2.05
N TYR A 659 -21.50 15.20 -1.63
CA TYR A 659 -22.44 14.37 -2.39
C TYR A 659 -23.66 13.96 -1.61
N SER A 660 -24.77 13.67 -2.34
CA SER A 660 -26.01 13.16 -1.77
C SER A 660 -26.57 12.04 -2.63
N SER A 661 -27.33 11.14 -1.99
CA SER A 661 -27.96 9.98 -2.57
C SER A 661 -29.29 9.76 -1.84
N GLU A 662 -30.40 9.85 -2.58
CA GLU A 662 -31.75 9.62 -2.05
C GLU A 662 -31.86 8.13 -1.64
N GLU A 663 -31.37 7.23 -2.50
CA GLU A 663 -31.38 5.79 -2.29
C GLU A 663 -30.63 5.34 -1.01
N ALA A 664 -29.56 6.05 -0.65
CA ALA A 664 -28.74 5.75 0.53
C ALA A 664 -29.18 6.50 1.79
N GLY A 665 -29.98 7.54 1.61
CA GLY A 665 -30.46 8.40 2.70
C GLY A 665 -29.31 9.14 3.33
N SER A 666 -29.30 9.25 4.66
CA SER A 666 -28.23 9.90 5.45
C SER A 666 -26.80 9.36 5.22
N ALA A 667 -26.68 8.07 4.81
CA ALA A 667 -25.41 7.39 4.53
C ALA A 667 -24.82 7.78 3.16
N GLY A 668 -25.66 8.32 2.29
CA GLY A 668 -25.27 8.77 0.96
C GLY A 668 -24.64 10.14 0.95
N ASN A 669 -24.66 10.82 2.11
CA ASN A 669 -24.10 12.15 2.35
C ASN A 669 -22.67 11.91 2.64
N VAL A 670 -21.82 12.17 1.66
CA VAL A 670 -20.40 11.86 1.76
C VAL A 670 -19.61 12.97 1.14
N GLY A 671 -18.41 13.20 1.65
CA GLY A 671 -17.51 14.20 1.12
C GLY A 671 -16.16 13.69 0.68
N ILE A 672 -15.58 14.33 -0.34
CA ILE A 672 -14.23 14.05 -0.84
C ILE A 672 -13.46 15.35 -0.92
N ILE A 673 -12.18 15.28 -0.58
CA ILE A 673 -11.25 16.40 -0.73
C ILE A 673 -10.37 16.06 -1.89
N PHE A 674 -10.29 16.97 -2.87
CA PHE A 674 -9.38 16.80 -3.98
C PHE A 674 -8.21 17.74 -3.70
N LYS A 675 -6.99 17.20 -3.73
CA LYS A 675 -5.80 18.02 -3.46
C LYS A 675 -4.74 17.79 -4.56
N ASN A 676 -4.25 18.89 -5.13
CA ASN A 676 -3.27 18.88 -6.18
C ASN A 676 -2.11 19.81 -5.87
N GLY A 677 -0.91 19.28 -5.96
CA GLY A 677 0.34 19.99 -5.71
C GLY A 677 1.23 19.33 -4.67
N ASP A 678 0.69 18.35 -3.91
CA ASP A 678 1.39 17.62 -2.85
C ASP A 678 1.44 16.13 -3.08
N ASP A 679 2.62 15.52 -2.86
CA ASP A 679 2.78 14.09 -2.95
C ASP A 679 2.05 13.55 -1.69
N LEU A 680 1.01 12.73 -1.90
CA LEU A 680 0.17 12.18 -0.82
C LEU A 680 0.53 10.72 -0.45
N ARG A 681 1.58 10.13 -1.05
CA ARG A 681 2.01 8.75 -0.81
C ARG A 681 2.38 8.49 0.65
N GLN A 682 3.14 9.41 1.30
CA GLN A 682 3.49 9.24 2.73
C GLN A 682 2.26 9.30 3.64
N ASP A 683 1.32 10.23 3.38
CA ASP A 683 0.06 10.36 4.12
C ASP A 683 -0.72 9.03 4.09
N MET A 684 -0.83 8.42 2.88
CA MET A 684 -1.53 7.14 2.66
C MET A 684 -0.85 6.04 3.43
N LEU A 685 0.50 5.98 3.38
CA LEU A 685 1.26 4.99 4.15
C LEU A 685 1.05 5.21 5.66
N THR A 686 1.02 6.47 6.11
CA THR A 686 0.80 6.72 7.54
C THR A 686 -0.57 6.20 7.96
N LEU A 687 -1.62 6.59 7.19
CA LEU A 687 -2.99 6.14 7.48
C LEU A 687 -3.15 4.63 7.38
N GLN A 688 -2.48 3.99 6.40
CA GLN A 688 -2.58 2.53 6.29
C GLN A 688 -1.91 1.84 7.47
N MET A 689 -0.85 2.45 8.04
CA MET A 689 -0.16 1.89 9.20
C MET A 689 -1.01 2.02 10.47
N ILE A 690 -1.71 3.17 10.62
CA ILE A 690 -2.67 3.43 11.71
C ILE A 690 -3.85 2.44 11.59
N GLN A 691 -4.31 2.16 10.36
CA GLN A 691 -5.39 1.20 10.10
C GLN A 691 -4.98 -0.25 10.53
N LEU A 692 -3.75 -0.64 10.24
CA LEU A 692 -3.17 -1.94 10.62
C LEU A 692 -3.11 -2.01 12.12
N MET A 693 -2.67 -0.91 12.79
CA MET A 693 -2.67 -0.83 14.27
C MET A 693 -4.06 -1.18 14.80
N ASP A 694 -5.10 -0.49 14.31
CA ASP A 694 -6.51 -0.70 14.69
C ASP A 694 -6.96 -2.16 14.47
N VAL A 695 -6.52 -2.80 13.39
CA VAL A 695 -6.85 -4.20 13.13
C VAL A 695 -6.18 -5.12 14.16
N LEU A 696 -4.86 -4.90 14.41
CA LEU A 696 -4.08 -5.68 15.40
C LEU A 696 -4.65 -5.46 16.79
N TRP A 697 -5.11 -4.23 17.11
CA TRP A 697 -5.69 -4.02 18.43
C TRP A 697 -7.02 -4.75 18.53
N LYS A 698 -7.88 -4.65 17.50
CA LYS A 698 -9.19 -5.30 17.51
C LYS A 698 -9.10 -6.84 17.59
N GLN A 699 -8.04 -7.42 16.99
CA GLN A 699 -7.77 -8.86 17.06
C GLN A 699 -7.54 -9.31 18.49
N GLU A 700 -7.09 -8.38 19.40
CA GLU A 700 -6.84 -8.63 20.83
C GLU A 700 -7.99 -8.09 21.72
N GLY A 701 -9.13 -7.85 21.10
CA GLY A 701 -10.33 -7.37 21.79
C GLY A 701 -10.27 -5.92 22.26
N LEU A 702 -9.39 -5.09 21.65
CA LEU A 702 -9.25 -3.69 22.03
C LEU A 702 -9.69 -2.73 20.92
N ASP A 703 -10.80 -2.01 21.15
CA ASP A 703 -11.31 -1.01 20.22
C ASP A 703 -10.98 0.41 20.72
N LEU A 704 -9.94 1.03 20.10
CA LEU A 704 -9.51 2.37 20.47
C LEU A 704 -10.17 3.45 19.67
N ARG A 705 -11.34 3.14 19.10
CA ARG A 705 -12.26 4.05 18.40
C ARG A 705 -11.52 5.00 17.44
N MET A 706 -10.68 4.39 16.58
CA MET A 706 -9.84 5.10 15.58
C MET A 706 -10.66 5.57 14.41
N THR A 707 -10.13 6.54 13.64
CA THR A 707 -10.80 7.06 12.45
C THR A 707 -9.86 6.85 11.25
N PRO A 708 -9.83 5.62 10.67
CA PRO A 708 -8.91 5.39 9.55
C PRO A 708 -9.51 5.80 8.19
N TYR A 709 -9.70 7.11 8.01
CA TYR A 709 -10.25 7.72 6.80
C TYR A 709 -9.35 7.48 5.58
N GLY A 710 -9.98 7.31 4.43
CA GLY A 710 -9.29 7.05 3.18
C GLY A 710 -8.42 8.20 2.70
N CYS A 711 -7.28 7.83 2.08
CA CYS A 711 -6.32 8.72 1.43
C CYS A 711 -5.77 8.00 0.24
N LEU A 712 -5.94 8.57 -0.95
CA LEU A 712 -5.46 7.90 -2.14
C LEU A 712 -4.81 8.80 -3.16
N PRO A 713 -3.49 8.64 -3.47
CA PRO A 713 -2.90 9.37 -4.60
C PRO A 713 -3.52 8.78 -5.87
N THR A 714 -3.81 9.63 -6.83
CA THR A 714 -4.46 9.20 -8.08
C THR A 714 -3.68 9.63 -9.33
N GLY A 715 -2.78 10.58 -9.15
CA GLY A 715 -2.00 11.15 -10.24
C GLY A 715 -0.76 11.83 -9.73
N ASP A 716 -0.08 12.59 -10.61
CA ASP A 716 1.15 13.32 -10.27
C ASP A 716 0.82 14.41 -9.24
N ARG A 717 1.30 14.24 -7.99
CA ARG A 717 1.06 15.16 -6.85
C ARG A 717 -0.46 15.49 -6.74
N THR A 718 -1.30 14.45 -6.93
CA THR A 718 -2.77 14.55 -6.94
C THR A 718 -3.34 13.41 -6.15
N GLY A 719 -4.48 13.65 -5.52
CA GLY A 719 -5.14 12.60 -4.74
C GLY A 719 -6.41 13.05 -4.07
N LEU A 720 -7.07 12.10 -3.37
CA LEU A 720 -8.31 12.39 -2.67
C LEU A 720 -8.19 12.05 -1.21
N ILE A 721 -8.99 12.72 -0.39
CA ILE A 721 -9.02 12.45 1.05
C ILE A 721 -10.49 12.30 1.42
N GLU A 722 -10.79 11.28 2.21
CA GLU A 722 -12.15 11.06 2.67
C GLU A 722 -12.53 12.10 3.68
N VAL A 723 -13.72 12.68 3.56
CA VAL A 723 -14.23 13.64 4.54
C VAL A 723 -14.90 12.82 5.67
N VAL A 724 -14.53 13.16 6.91
CA VAL A 724 -15.15 12.66 8.13
C VAL A 724 -16.13 13.79 8.49
N LEU A 725 -17.42 13.58 8.23
CA LEU A 725 -18.44 14.58 8.54
C LEU A 725 -18.65 14.65 10.04
N HIS A 726 -19.24 15.74 10.51
CA HIS A 726 -19.56 16.03 11.93
C HIS A 726 -18.26 16.02 12.76
N SER A 727 -17.27 16.69 12.25
CA SER A 727 -15.98 16.76 12.90
C SER A 727 -15.43 18.16 12.78
N ASP A 728 -14.68 18.62 13.77
CA ASP A 728 -14.06 19.94 13.66
C ASP A 728 -12.67 19.89 14.24
N THR A 729 -11.77 20.78 13.77
CA THR A 729 -10.38 20.83 14.25
C THR A 729 -10.39 21.34 15.69
N ILE A 730 -9.40 20.91 16.50
CA ILE A 730 -9.21 21.37 17.89
C ILE A 730 -9.00 22.90 17.86
N ALA A 731 -8.20 23.40 16.89
CA ALA A 731 -7.90 24.84 16.70
C ALA A 731 -9.18 25.69 16.60
N ASN A 732 -10.17 25.20 15.81
CA ASN A 732 -11.45 25.89 15.66
C ASN A 732 -12.20 25.89 16.96
N ILE A 733 -12.39 24.72 17.58
CA ILE A 733 -13.06 24.64 18.90
C ILE A 733 -12.37 25.54 19.97
N GLN A 734 -11.02 25.60 19.95
CA GLN A 734 -10.26 26.41 20.90
C GLN A 734 -10.30 27.89 20.61
N LEU A 735 -10.73 28.32 19.40
CA LEU A 735 -10.83 29.76 19.13
C LEU A 735 -11.82 30.39 20.11
N ASN A 736 -12.70 29.54 20.72
CA ASN A 736 -13.67 29.90 21.75
C ASN A 736 -14.53 31.09 21.34
N LYS A 737 -15.34 30.90 20.30
CA LYS A 737 -16.20 31.97 19.75
C LYS A 737 -17.34 32.31 20.70
N SER A 738 -17.78 33.59 20.72
CA SER A 738 -18.92 33.98 21.57
C SER A 738 -20.24 33.68 20.83
N ASN A 739 -21.40 33.76 21.53
CA ASN A 739 -22.74 33.50 20.97
C ASN A 739 -22.91 32.00 20.55
N MET A 740 -22.19 31.09 21.23
CA MET A 740 -22.25 29.63 20.94
C MET A 740 -22.45 28.87 22.26
N ALA A 741 -22.92 27.62 22.18
CA ALA A 741 -23.12 26.75 23.36
C ALA A 741 -21.79 26.43 24.09
N ALA A 742 -20.69 26.21 23.33
CA ALA A 742 -19.34 25.91 23.83
C ALA A 742 -18.60 27.09 24.55
N THR A 743 -19.02 28.36 24.32
CA THR A 743 -18.46 29.60 24.90
C THR A 743 -17.93 29.36 26.34
N ALA A 744 -16.60 29.47 26.55
CA ALA A 744 -15.96 29.15 27.84
C ALA A 744 -15.55 30.35 28.74
N ALA A 745 -15.39 30.07 30.05
CA ALA A 745 -14.94 30.95 31.13
C ALA A 745 -13.40 30.88 31.25
N PHE A 746 -12.83 29.71 30.86
CA PHE A 746 -11.39 29.38 30.81
C PHE A 746 -11.18 28.59 29.50
N ASN A 747 -10.18 28.97 28.65
CA ASN A 747 -9.97 28.29 27.36
C ASN A 747 -9.90 26.75 27.48
N LYS A 748 -9.42 26.23 28.63
CA LYS A 748 -9.33 24.79 28.94
C LYS A 748 -10.70 24.08 29.01
N ASP A 749 -11.78 24.85 29.20
CA ASP A 749 -13.16 24.34 29.34
C ASP A 749 -13.78 24.04 27.96
N ALA A 750 -13.25 24.65 26.88
CA ALA A 750 -13.81 24.67 25.53
C ALA A 750 -14.05 23.31 24.85
N LEU A 751 -13.07 22.38 24.78
CA LEU A 751 -13.31 21.07 24.14
C LEU A 751 -14.46 20.31 24.83
N LEU A 752 -14.44 20.26 26.18
CA LEU A 752 -15.43 19.61 27.03
C LEU A 752 -16.81 20.26 26.85
N ASN A 753 -16.86 21.59 26.77
CA ASN A 753 -18.10 22.34 26.54
C ASN A 753 -18.64 22.00 25.15
N TRP A 754 -17.75 21.89 24.16
CA TRP A 754 -18.13 21.51 22.80
C TRP A 754 -18.69 20.12 22.83
N LEU A 755 -18.00 19.19 23.53
CA LEU A 755 -18.43 17.80 23.66
C LEU A 755 -19.80 17.68 24.30
N LYS A 756 -20.07 18.50 25.35
CA LYS A 756 -21.32 18.59 26.13
C LYS A 756 -22.48 19.05 25.20
N SER A 757 -22.25 20.11 24.43
CA SER A 757 -23.22 20.64 23.46
C SER A 757 -23.60 19.60 22.39
N LYS A 758 -22.63 18.80 21.91
CA LYS A 758 -22.90 17.75 20.92
C LYS A 758 -23.44 16.49 21.63
N ASN A 759 -23.20 16.33 22.96
CA ASN A 759 -23.64 15.12 23.68
C ASN A 759 -24.41 15.41 24.98
N PRO A 760 -25.66 15.95 24.93
CA PRO A 760 -26.37 16.30 26.18
C PRO A 760 -26.77 15.10 27.06
N GLY A 761 -26.93 15.36 28.35
CA GLY A 761 -27.34 14.39 29.36
C GLY A 761 -26.37 13.25 29.61
N GLU A 762 -26.86 12.00 29.51
CA GLU A 762 -26.09 10.77 29.77
C GLU A 762 -25.18 10.35 28.58
N ALA A 763 -25.33 11.01 27.41
CA ALA A 763 -24.51 10.76 26.24
C ALA A 763 -23.07 11.28 26.46
N LEU A 764 -22.88 12.26 27.37
CA LEU A 764 -21.56 12.82 27.69
C LEU A 764 -20.55 11.81 28.23
N ASP A 765 -21.00 10.79 29.00
CA ASP A 765 -20.10 9.77 29.52
C ASP A 765 -19.44 8.97 28.36
N ARG A 766 -20.25 8.58 27.35
CA ARG A 766 -19.80 7.83 26.17
C ARG A 766 -18.80 8.65 25.35
N ALA A 767 -19.06 9.96 25.19
CA ALA A 767 -18.18 10.87 24.44
C ALA A 767 -16.80 11.03 25.10
N ILE A 768 -16.74 11.11 26.43
CA ILE A 768 -15.47 11.21 27.16
C ILE A 768 -14.69 9.90 26.99
N GLU A 769 -15.39 8.75 27.02
CA GLU A 769 -14.80 7.44 26.83
C GLU A 769 -14.25 7.27 25.40
N GLU A 770 -15.03 7.69 24.38
CA GLU A 770 -14.62 7.70 22.94
C GLU A 770 -13.39 8.58 22.76
N PHE A 771 -13.36 9.76 23.41
CA PHE A 771 -12.21 10.67 23.38
C PHE A 771 -10.98 9.97 23.97
N THR A 772 -11.13 9.35 25.16
CA THR A 772 -10.07 8.70 25.93
C THR A 772 -9.42 7.55 25.17
N LEU A 773 -10.26 6.67 24.63
CA LEU A 773 -9.81 5.53 23.83
C LEU A 773 -9.04 5.99 22.59
N SER A 774 -9.61 6.94 21.80
CA SER A 774 -8.99 7.45 20.55
C SER A 774 -7.69 8.20 20.86
N CYS A 775 -7.70 9.00 21.91
CA CYS A 775 -6.49 9.66 22.38
C CYS A 775 -5.39 8.67 22.68
N ALA A 776 -5.69 7.58 23.45
CA ALA A 776 -4.72 6.53 23.73
C ALA A 776 -4.14 5.91 22.45
N GLY A 777 -5.01 5.65 21.45
CA GLY A 777 -4.61 5.07 20.16
C GLY A 777 -3.74 5.98 19.33
N TYR A 778 -4.08 7.28 19.24
CA TYR A 778 -3.31 8.25 18.47
C TYR A 778 -2.03 8.65 19.20
N CYS A 779 -2.01 8.70 20.55
CA CYS A 779 -0.78 8.96 21.29
C CYS A 779 0.29 7.85 20.97
N VAL A 780 -0.16 6.57 20.96
CA VAL A 780 0.65 5.36 20.67
C VAL A 780 1.00 5.36 19.17
N ALA A 781 0.03 5.69 18.30
CA ALA A 781 0.28 5.70 16.84
C ALA A 781 1.32 6.72 16.47
N THR A 782 1.18 7.96 16.97
CA THR A 782 2.13 9.04 16.69
C THR A 782 3.50 8.73 17.25
N TYR A 783 3.58 8.20 18.48
CA TYR A 783 4.85 7.83 19.12
C TYR A 783 5.58 6.71 18.37
N VAL A 784 4.86 5.63 18.00
CA VAL A 784 5.45 4.49 17.29
C VAL A 784 5.94 4.92 15.88
N LEU A 785 5.13 5.71 15.16
CA LEU A 785 5.50 6.16 13.82
C LEU A 785 6.32 7.44 13.74
N GLY A 786 6.60 8.09 14.89
CA GLY A 786 7.38 9.33 14.96
C GLY A 786 6.73 10.52 14.28
N ILE A 787 5.38 10.55 14.30
CA ILE A 787 4.56 11.60 13.71
C ILE A 787 4.78 12.85 14.52
N GLY A 788 5.40 13.82 13.87
CA GLY A 788 5.77 15.11 14.44
C GLY A 788 5.03 16.23 13.76
N ASP A 789 5.30 17.48 14.19
CA ASP A 789 4.64 18.68 13.66
C ASP A 789 3.13 18.59 14.00
N ARG A 790 2.82 18.15 15.24
CA ARG A 790 1.44 18.02 15.71
C ARG A 790 1.00 19.27 16.45
N HIS A 791 -0.14 19.83 16.01
CA HIS A 791 -0.74 21.04 16.57
C HIS A 791 -2.26 21.00 16.44
N SER A 792 -2.96 21.95 17.09
CA SER A 792 -4.42 22.00 17.14
C SER A 792 -5.13 22.08 15.78
N ASP A 793 -4.44 22.52 14.70
CA ASP A 793 -5.11 22.56 13.39
C ASP A 793 -4.93 21.24 12.58
N ASN A 794 -4.07 20.29 13.04
CA ASN A 794 -3.94 19.00 12.34
C ASN A 794 -4.45 17.81 13.20
N ILE A 795 -5.14 18.15 14.31
CA ILE A 795 -5.84 17.25 15.23
C ILE A 795 -7.33 17.61 15.14
N MET A 796 -8.17 16.60 14.92
CA MET A 796 -9.62 16.81 14.81
C MET A 796 -10.42 15.98 15.76
N ILE A 797 -11.69 16.39 15.98
CA ILE A 797 -12.57 15.67 16.89
C ILE A 797 -13.96 15.54 16.31
N ARG A 798 -14.45 14.29 16.30
CA ARG A 798 -15.79 13.94 15.82
C ARG A 798 -16.78 14.29 16.93
N GLU A 799 -18.04 14.59 16.58
CA GLU A 799 -19.06 14.94 17.61
C GLU A 799 -19.34 13.80 18.62
N SER A 800 -18.95 12.57 18.26
CA SER A 800 -19.03 11.37 19.12
C SER A 800 -17.96 11.43 20.23
N GLY A 801 -16.98 12.33 20.06
CA GLY A 801 -15.86 12.54 20.98
C GLY A 801 -14.56 11.94 20.48
N GLN A 802 -14.62 11.16 19.38
CA GLN A 802 -13.47 10.54 18.76
C GLN A 802 -12.40 11.52 18.23
N LEU A 803 -11.17 11.45 18.77
CA LEU A 803 -10.01 12.24 18.34
C LEU A 803 -9.30 11.52 17.16
N PHE A 804 -8.87 12.29 16.14
CA PHE A 804 -8.16 11.72 14.98
C PHE A 804 -7.18 12.75 14.39
N HIS A 805 -6.14 12.27 13.71
CA HIS A 805 -5.13 13.14 13.12
C HIS A 805 -5.26 13.32 11.61
N ILE A 806 -4.98 14.52 11.13
CA ILE A 806 -5.00 14.82 9.70
C ILE A 806 -3.64 15.33 9.22
N ASP A 807 -3.40 15.33 7.89
CA ASP A 807 -2.21 15.84 7.19
C ASP A 807 -0.88 15.42 7.83
N PHE A 808 -0.45 14.19 7.53
CA PHE A 808 0.78 13.56 8.03
C PHE A 808 1.96 13.92 7.16
N GLY A 809 2.37 15.17 7.27
CA GLY A 809 3.48 15.73 6.51
C GLY A 809 4.81 15.10 6.82
N HIS A 810 5.01 14.69 8.09
CA HIS A 810 6.25 14.09 8.58
C HIS A 810 6.03 12.86 9.49
N PHE A 811 6.95 11.89 9.43
CA PHE A 811 6.95 10.68 10.27
C PHE A 811 8.40 10.15 10.44
N LEU A 812 8.58 9.07 11.22
CA LEU A 812 9.90 8.47 11.49
C LEU A 812 10.96 9.51 12.01
N GLY A 813 10.47 10.52 12.73
CA GLY A 813 11.26 11.57 13.35
C GLY A 813 12.15 12.41 12.46
N ASN A 814 11.62 12.79 11.27
CA ASN A 814 12.33 13.60 10.28
C ASN A 814 11.64 14.95 10.14
N ARG A 823 17.04 14.41 11.30
CA ARG A 823 16.51 13.25 12.02
C ARG A 823 16.60 13.42 13.55
N GLU A 824 15.46 13.82 14.17
CA GLU A 824 15.34 14.04 15.61
C GLU A 824 14.32 13.07 16.23
N ARG A 825 14.75 12.29 17.26
CA ARG A 825 13.93 11.32 17.99
C ARG A 825 12.70 12.02 18.61
N VAL A 826 11.49 11.70 18.06
CA VAL A 826 10.21 12.30 18.46
C VAL A 826 9.77 11.82 19.86
N PRO A 827 9.69 12.73 20.86
CA PRO A 827 9.29 12.32 22.20
C PRO A 827 7.79 12.03 22.32
N PHE A 828 7.38 11.26 23.37
CA PHE A 828 5.95 10.98 23.61
C PHE A 828 5.26 12.31 23.93
N ILE A 829 4.06 12.54 23.37
CA ILE A 829 3.35 13.80 23.52
C ILE A 829 2.03 13.63 24.30
N LEU A 830 1.91 14.41 25.38
CA LEU A 830 0.74 14.54 26.24
C LEU A 830 0.50 16.05 26.43
N THR A 831 -0.69 16.54 26.02
CA THR A 831 -1.10 17.95 26.09
C THR A 831 -2.25 18.11 27.10
N TYR A 832 -2.15 19.13 28.02
CA TYR A 832 -3.12 19.38 29.11
C TYR A 832 -4.60 19.43 28.70
N ASP A 833 -4.96 20.18 27.62
CA ASP A 833 -6.37 20.30 27.21
C ASP A 833 -7.08 18.96 26.97
N PHE A 834 -6.33 17.93 26.55
CA PHE A 834 -6.90 16.60 26.33
C PHE A 834 -6.97 15.83 27.65
N VAL A 835 -5.98 16.09 28.57
CA VAL A 835 -5.91 15.49 29.92
C VAL A 835 -7.12 16.00 30.69
N HIS A 836 -7.49 17.28 30.45
CA HIS A 836 -8.64 17.94 31.03
C HIS A 836 -9.97 17.22 30.66
N VAL A 837 -10.13 16.71 29.40
CA VAL A 837 -11.34 15.97 28.98
C VAL A 837 -11.32 14.51 29.57
N ILE A 838 -10.16 13.81 29.49
CA ILE A 838 -9.98 12.46 30.05
C ILE A 838 -10.41 12.46 31.53
N GLN A 839 -9.84 13.38 32.32
CA GLN A 839 -10.11 13.60 33.74
C GLN A 839 -11.49 14.23 34.03
N GLN A 840 -12.40 14.28 33.02
CA GLN A 840 -13.78 14.77 33.16
C GLN A 840 -13.91 16.24 33.66
N GLY A 841 -12.89 17.05 33.42
CA GLY A 841 -12.85 18.46 33.79
C GLY A 841 -12.25 18.74 35.16
N LYS A 842 -12.26 17.72 36.03
CA LYS A 842 -11.74 17.72 37.41
C LYS A 842 -10.21 17.85 37.38
N THR A 843 -9.66 18.73 38.26
CA THR A 843 -8.23 19.00 38.40
C THR A 843 -7.49 17.71 38.77
N ASN A 844 -8.09 16.90 39.65
CA ASN A 844 -7.50 15.65 40.05
C ASN A 844 -8.46 14.49 39.82
N ASN A 845 -8.06 13.60 38.91
CA ASN A 845 -8.82 12.42 38.54
C ASN A 845 -7.84 11.34 38.10
N SER A 846 -7.09 10.80 39.08
CA SER A 846 -6.08 9.75 38.92
C SER A 846 -6.73 8.50 38.35
N GLU A 847 -7.98 8.20 38.78
CA GLU A 847 -8.77 7.05 38.30
C GLU A 847 -8.85 7.09 36.77
N LYS A 848 -9.35 8.23 36.22
CA LYS A 848 -9.49 8.44 34.78
C LYS A 848 -8.17 8.56 34.04
N PHE A 849 -7.20 9.34 34.57
CA PHE A 849 -5.89 9.49 33.93
C PHE A 849 -5.09 8.18 33.77
N GLU A 850 -5.00 7.38 34.84
CA GLU A 850 -4.23 6.13 34.86
C GLU A 850 -4.94 5.02 34.06
N ARG A 851 -6.29 5.12 33.93
CA ARG A 851 -7.06 4.21 33.07
C ARG A 851 -6.70 4.52 31.61
N PHE A 852 -6.36 5.79 31.33
CA PHE A 852 -5.92 6.24 30.01
C PHE A 852 -4.50 5.71 29.77
N ARG A 853 -3.60 5.79 30.79
CA ARG A 853 -2.23 5.29 30.72
C ARG A 853 -2.24 3.75 30.52
N GLY A 854 -3.21 3.07 31.14
CA GLY A 854 -3.44 1.63 30.97
C GLY A 854 -3.84 1.30 29.55
N TYR A 855 -4.64 2.17 28.88
CA TYR A 855 -5.05 1.98 27.48
C TYR A 855 -3.85 2.17 26.55
N CYS A 856 -2.98 3.19 26.83
CA CYS A 856 -1.76 3.48 26.07
C CYS A 856 -0.79 2.31 26.14
N GLU A 857 -0.55 1.78 27.37
CA GLU A 857 0.35 0.65 27.64
C GLU A 857 -0.08 -0.64 26.93
N ARG A 858 -1.39 -0.95 26.96
CA ARG A 858 -1.96 -2.15 26.33
C ARG A 858 -1.76 -2.09 24.81
N ALA A 859 -2.15 -0.94 24.20
CA ALA A 859 -2.02 -0.67 22.78
C ALA A 859 -0.57 -0.77 22.33
N TYR A 860 0.38 -0.31 23.18
CA TYR A 860 1.79 -0.36 22.84
C TYR A 860 2.37 -1.77 22.81
N THR A 861 2.08 -2.59 23.84
CA THR A 861 2.59 -3.95 23.94
C THR A 861 2.00 -4.86 22.85
N ILE A 862 0.78 -4.55 22.33
CA ILE A 862 0.16 -5.31 21.23
C ILE A 862 0.93 -5.07 19.93
N LEU A 863 1.27 -3.79 19.66
CA LEU A 863 2.06 -3.43 18.48
C LEU A 863 3.43 -4.08 18.46
N ARG A 864 4.08 -4.19 19.65
CA ARG A 864 5.39 -4.81 19.85
C ARG A 864 5.42 -6.29 19.47
N ARG A 865 4.32 -7.00 19.76
CA ARG A 865 4.15 -8.43 19.44
C ARG A 865 4.02 -8.60 17.94
N HIS A 866 3.78 -7.50 17.22
CA HIS A 866 3.67 -7.44 15.77
C HIS A 866 4.76 -6.54 15.19
N GLY A 867 5.81 -6.32 15.99
CA GLY A 867 6.95 -5.49 15.62
C GLY A 867 7.60 -5.91 14.32
N LEU A 868 7.74 -7.24 14.11
CA LEU A 868 8.32 -7.78 12.87
C LEU A 868 7.45 -7.51 11.65
N LEU A 869 6.10 -7.47 11.79
CA LEU A 869 5.22 -7.15 10.66
C LEU A 869 5.43 -5.71 10.20
N PHE A 870 5.53 -4.76 11.13
CA PHE A 870 5.79 -3.35 10.81
C PHE A 870 7.14 -3.18 10.13
N LEU A 871 8.20 -3.83 10.65
CA LEU A 871 9.54 -3.76 10.03
C LEU A 871 9.58 -4.35 8.61
N HIS A 872 8.96 -5.51 8.38
CA HIS A 872 8.92 -6.14 7.05
C HIS A 872 8.17 -5.26 6.02
N LEU A 873 7.06 -4.63 6.44
CA LEU A 873 6.26 -3.76 5.58
C LEU A 873 6.95 -2.47 5.30
N PHE A 874 7.54 -1.82 6.33
CA PHE A 874 8.36 -0.61 6.15
C PHE A 874 9.59 -0.89 5.28
N ALA A 875 10.09 -2.15 5.26
CA ALA A 875 11.28 -2.52 4.48
C ALA A 875 10.93 -2.59 2.99
N LEU A 876 9.78 -3.17 2.68
CA LEU A 876 9.27 -3.28 1.31
C LEU A 876 8.96 -1.86 0.76
N MET A 877 8.61 -0.91 1.66
CA MET A 877 8.26 0.47 1.35
C MET A 877 9.45 1.32 0.94
N ARG A 878 10.67 0.89 1.28
CA ARG A 878 11.93 1.54 0.87
C ARG A 878 11.98 1.66 -0.67
N ALA A 879 11.25 0.77 -1.37
CA ALA A 879 11.15 0.75 -2.84
C ALA A 879 10.32 1.94 -3.38
N ALA A 880 9.39 2.49 -2.56
CA ALA A 880 8.50 3.58 -2.96
C ALA A 880 9.22 4.87 -3.40
N GLY A 881 10.33 5.18 -2.74
CA GLY A 881 11.07 6.41 -2.99
C GLY A 881 10.47 7.58 -2.24
N LEU A 882 10.24 7.42 -0.90
CA LEU A 882 9.69 8.47 -0.05
C LEU A 882 10.87 9.17 0.67
N PRO A 883 10.96 10.53 0.69
CA PRO A 883 12.15 11.20 1.27
C PRO A 883 12.43 10.86 2.74
N GLU A 884 11.37 10.71 3.55
CA GLU A 884 11.46 10.36 4.97
C GLU A 884 11.56 8.84 5.21
N LEU A 885 11.75 8.03 4.13
CA LEU A 885 11.93 6.57 4.16
C LEU A 885 12.91 6.15 3.04
N SER A 886 14.17 6.66 3.09
CA SER A 886 15.18 6.40 2.06
C SER A 886 16.40 5.53 2.46
N CYS A 887 16.49 5.02 3.72
CA CYS A 887 17.61 4.18 4.19
C CYS A 887 17.34 3.39 5.50
N SER A 888 18.42 2.98 6.21
CA SER A 888 18.39 2.22 7.48
C SER A 888 18.12 3.07 8.73
N LYS A 889 18.54 4.34 8.72
CA LYS A 889 18.35 5.33 9.80
C LYS A 889 16.87 5.51 10.10
N ASP A 890 16.04 5.59 9.04
CA ASP A 890 14.58 5.74 9.08
C ASP A 890 13.91 4.52 9.73
N ILE A 891 14.37 3.31 9.39
CA ILE A 891 13.84 2.08 9.97
C ILE A 891 14.29 1.94 11.43
N GLN A 892 15.52 2.39 11.76
CA GLN A 892 16.01 2.35 13.14
C GLN A 892 15.06 3.12 14.07
N TYR A 893 14.36 4.16 13.55
CA TYR A 893 13.36 4.88 14.35
C TYR A 893 12.27 3.90 14.82
N LEU A 894 11.73 3.07 13.90
CA LEU A 894 10.71 2.05 14.22
C LEU A 894 11.23 0.99 15.19
N LYS A 895 12.48 0.55 14.99
CA LYS A 895 13.13 -0.46 15.83
C LYS A 895 13.28 0.09 17.23
N ASP A 896 13.65 1.38 17.35
CA ASP A 896 13.81 2.05 18.64
C ASP A 896 12.49 2.34 19.34
N SER A 897 11.49 2.88 18.60
CA SER A 897 10.14 3.20 19.11
C SER A 897 9.41 1.95 19.60
N LEU A 898 9.64 0.79 18.96
CA LEU A 898 9.03 -0.48 19.38
C LEU A 898 9.92 -1.19 20.42
N ALA A 899 11.24 -0.86 20.48
CA ALA A 899 12.26 -1.46 21.37
C ALA A 899 12.26 -3.01 21.26
N LEU A 900 12.37 -3.52 20.01
CA LEU A 900 12.34 -4.96 19.71
C LEU A 900 13.56 -5.74 20.21
N GLY A 901 14.66 -5.03 20.49
CA GLY A 901 15.89 -5.61 21.03
C GLY A 901 15.88 -5.65 22.54
N LYS A 902 14.67 -5.69 23.15
CA LYS A 902 14.45 -5.70 24.59
C LYS A 902 13.32 -6.66 24.99
N THR A 903 13.19 -6.91 26.28
CA THR A 903 12.14 -7.77 26.83
C THR A 903 10.90 -6.91 27.07
N GLU A 904 9.70 -7.52 27.14
CA GLU A 904 8.46 -6.78 27.36
C GLU A 904 8.51 -5.93 28.62
N GLU A 905 9.12 -6.46 29.69
CA GLU A 905 9.29 -5.74 30.94
C GLU A 905 10.24 -4.55 30.75
N GLU A 906 11.31 -4.73 29.94
CA GLU A 906 12.29 -3.68 29.64
C GLU A 906 11.69 -2.57 28.78
N ALA A 907 10.99 -2.93 27.70
CA ALA A 907 10.36 -1.98 26.78
C ALA A 907 9.17 -1.27 27.41
N LEU A 908 8.43 -1.96 28.31
CA LEU A 908 7.30 -1.36 29.04
C LEU A 908 7.80 -0.31 30.03
N LYS A 909 8.88 -0.62 30.79
CA LYS A 909 9.48 0.34 31.74
C LYS A 909 10.05 1.55 30.98
N HIS A 910 10.65 1.31 29.79
CA HIS A 910 11.19 2.33 28.88
C HIS A 910 10.05 3.21 28.34
N PHE A 911 8.87 2.60 28.11
CA PHE A 911 7.68 3.32 27.65
C PHE A 911 7.11 4.18 28.78
N ARG A 912 7.00 3.60 30.01
CA ARG A 912 6.50 4.25 31.22
C ARG A 912 7.35 5.48 31.59
N VAL A 913 8.68 5.40 31.39
CA VAL A 913 9.66 6.48 31.62
C VAL A 913 9.45 7.57 30.54
N LYS A 914 9.14 7.15 29.29
CA LYS A 914 8.88 8.02 28.14
C LYS A 914 7.54 8.76 28.30
N PHE A 915 6.50 8.05 28.83
CA PHE A 915 5.16 8.58 29.09
C PHE A 915 5.25 9.58 30.27
N ASN A 916 5.94 9.19 31.35
CA ASN A 916 6.15 10.03 32.52
C ASN A 916 6.89 11.33 32.13
N GLU A 917 7.88 11.23 31.21
CA GLU A 917 8.65 12.36 30.67
C GLU A 917 7.74 13.30 29.87
N ALA A 918 6.69 12.73 29.25
CA ALA A 918 5.68 13.45 28.47
C ALA A 918 4.63 14.09 29.39
N LEU A 919 4.39 13.47 30.56
CA LEU A 919 3.47 14.01 31.57
C LEU A 919 4.14 15.21 32.27
N ARG A 920 5.47 15.15 32.49
CA ARG A 920 6.27 16.22 33.13
C ARG A 920 6.35 17.45 32.22
N GLU A 921 6.47 17.24 30.90
CA GLU A 921 6.50 18.31 29.88
C GLU A 921 5.11 18.96 29.80
N SER A 922 4.05 18.13 29.93
CA SER A 922 2.63 18.55 29.91
C SER A 922 2.32 19.40 31.15
N TRP A 923 2.89 19.00 32.32
CA TRP A 923 2.72 19.64 33.63
C TRP A 923 3.27 21.07 33.67
N LYS A 924 4.19 21.42 32.75
CA LYS A 924 4.76 22.77 32.63
C LYS A 924 3.68 23.77 32.19
N THR A 925 2.65 23.28 31.46
CA THR A 925 1.50 24.06 30.99
C THR A 925 0.41 24.03 32.09
N LYS A 926 0.39 22.97 32.92
CA LYS A 926 -0.54 22.79 34.04
C LYS A 926 -0.24 23.71 35.23
N VAL A 927 1.02 24.17 35.37
CA VAL A 927 1.49 25.05 36.45
C VAL A 927 0.84 26.46 36.31
N ASN A 928 0.64 26.94 35.07
CA ASN A 928 0.04 28.24 34.78
C ASN A 928 -1.46 28.23 35.07
C10 G5T B . -8.03 19.21 6.05
C15 G5T B . -10.22 14.84 6.16
O01 G5T B . -4.25 13.07 5.18
C02 G5T B . -4.46 14.38 4.90
C03 G5T B . -3.53 14.97 4.03
C04 G5T B . -3.68 16.30 3.70
C05 G5T B . -4.77 17.03 4.17
C06 G5T B . -5.70 16.43 5.03
C07 G5T B . -5.53 15.11 5.41
C08 G5T B . -6.88 17.19 5.48
C09 G5T B . -6.85 18.58 5.62
C11 G5T B . -9.15 18.46 6.36
C12 G5T B . -9.07 17.06 6.24
N13 G5T B . -7.95 16.41 5.76
N14 G5T B . -10.10 16.21 6.72
C16 G5T B . -10.98 14.00 7.18
O17 G5T B . -12.23 14.58 7.45
C18 G5T B . -12.12 15.85 8.03
C19 G5T B . -11.39 16.81 7.07
H26 G5T B . -8.05 20.30 6.16
H29 G5T B . -9.22 14.38 5.98
H28 G5T B . -10.73 14.85 5.17
H20 G5T B . -4.92 12.78 5.82
H21 G5T B . -2.70 14.38 3.62
H22 G5T B . -2.94 16.78 3.05
H23 G5T B . -4.91 18.06 3.83
H24 G5T B . -6.24 14.64 6.11
H25 G5T B . -5.96 19.17 5.41
H27 G5T B . -10.06 18.95 6.70
H31 G5T B . -10.39 13.84 8.10
H30 G5T B . -11.23 12.99 6.78
H32 G5T B . -13.16 16.17 8.20
H33 G5T B . -11.62 15.80 9.02
H34 G5T B . -12.02 17.03 6.18
H35 G5T B . -11.24 17.80 7.58
#